data_1E5D
#
_entry.id   1E5D
#
_cell.length_a   98.240
_cell.length_b   101.250
_cell.length_c   90.800
_cell.angle_alpha   90.00
_cell.angle_beta   90.00
_cell.angle_gamma   90.00
#
_symmetry.space_group_name_H-M   'P 21 21 2'
#
loop_
_entity.id
_entity.type
_entity.pdbx_description
1 polymer 'RUBREDOXIN\:OXYGEN OXIDOREDUCTASE'
2 non-polymer 'FLAVIN MONONUCLEOTIDE'
3 non-polymer MU-OXO-DIIRON
4 non-polymer 'OXYGEN MOLECULE'
5 water water
#
_entity_poly.entity_id   1
_entity_poly.type   'polypeptide(L)'
_entity_poly.pdbx_seq_one_letter_code
;MQATKIIDGFHLVGAIDWNSRDFHGYTLSPMGTTYNAYLVEDEKTTLFDTVKAEYKGELLCGIASVIDPKKIDYLVIQHL
ELDHAGALPALIEACQPEKIFTSSLGQKAMESHFHYKDWPVQVVKHGETLSLGKRTVTFYETRMLHWPDSMVSWFADEKV
LISNDIFGQNIAASERFSDQIPVHTLERAMREYYANIVNPYAPQTLKAIETLVGAGVAPEFICPDHGVIFRGADQCTFAV
QKYVEYAEQKPTNKVVIFYDSMWHSTEKMARVLAESFRDEGCTVKLMWCKACHHSQIMSEISDAGAVIVGSPTHNNGILP
YVAGTLQYIKGLRPQNKIGGAFGSFGWSGESTKVLAEWLTGMGFDMPATPVKVKNVPTHADYEQLKTMAQTIARALKAKL
AA
;
_entity_poly.pdbx_strand_id   A,B
#
# COMPACT_ATOMS: atom_id res chain seq x y z
N GLN A 2 26.30 -28.02 12.45
CA GLN A 2 25.61 -26.73 12.42
C GLN A 2 25.05 -26.39 13.79
N ALA A 3 25.07 -27.39 14.68
CA ALA A 3 24.44 -27.20 15.98
C ALA A 3 25.31 -26.36 16.91
N THR A 4 24.63 -25.61 17.77
CA THR A 4 25.30 -24.71 18.70
C THR A 4 24.98 -25.12 20.14
N LYS A 5 26.02 -25.33 20.94
CA LYS A 5 25.84 -25.79 22.31
C LYS A 5 25.42 -24.60 23.17
N ILE A 6 24.26 -24.75 23.80
CA ILE A 6 23.86 -23.63 24.66
C ILE A 6 24.42 -23.91 26.05
N ILE A 7 23.93 -24.99 26.62
CA ILE A 7 24.43 -25.66 27.80
C ILE A 7 24.49 -27.16 27.51
N ASP A 8 25.14 -27.89 28.40
CA ASP A 8 25.33 -29.33 28.25
C ASP A 8 24.00 -30.02 27.97
N GLY A 9 23.93 -30.74 26.86
CA GLY A 9 22.71 -31.42 26.47
C GLY A 9 21.64 -30.57 25.82
N PHE A 10 21.90 -29.27 25.65
CA PHE A 10 20.96 -28.36 25.00
C PHE A 10 21.61 -27.77 23.74
N HIS A 11 21.01 -28.03 22.57
CA HIS A 11 21.62 -27.43 21.39
C HIS A 11 20.60 -26.67 20.55
N LEU A 12 21.11 -25.57 20.01
CA LEU A 12 20.42 -24.72 19.06
C LEU A 12 20.59 -25.30 17.65
N VAL A 13 19.49 -25.68 17.01
CA VAL A 13 19.61 -26.13 15.62
C VAL A 13 18.64 -25.31 14.76
N GLY A 14 18.85 -25.33 13.44
CA GLY A 14 17.95 -24.68 12.52
C GLY A 14 18.63 -23.99 11.36
N ALA A 15 18.17 -22.79 11.00
CA ALA A 15 18.73 -22.11 9.85
C ALA A 15 18.75 -20.61 10.02
N ILE A 16 19.87 -20.04 9.58
CA ILE A 16 20.04 -18.61 9.46
C ILE A 16 19.55 -18.16 8.08
N ASP A 17 18.58 -17.26 8.10
CA ASP A 17 18.03 -16.80 6.81
C ASP A 17 18.51 -15.39 6.50
N TRP A 18 19.75 -15.29 6.02
CA TRP A 18 20.38 -14.02 5.70
C TRP A 18 19.55 -13.13 4.78
N ASN A 19 18.88 -13.73 3.79
CA ASN A 19 18.25 -12.95 2.73
C ASN A 19 16.83 -12.50 3.01
N SER A 20 16.25 -12.92 4.12
CA SER A 20 14.87 -12.55 4.42
C SER A 20 14.67 -11.05 4.43
N ARG A 21 13.79 -10.55 3.57
CA ARG A 21 13.51 -9.11 3.72
C ARG A 21 12.01 -8.95 3.91
N ASP A 22 11.26 -9.55 2.99
CA ASP A 22 9.83 -9.71 3.19
C ASP A 22 9.64 -10.80 4.26
N PHE A 23 9.35 -10.38 5.48
CA PHE A 23 9.14 -11.32 6.58
C PHE A 23 7.67 -11.72 6.66
N HIS A 24 7.41 -12.92 6.20
CA HIS A 24 6.11 -13.58 6.27
C HIS A 24 4.96 -12.75 5.73
N GLY A 25 5.21 -11.86 4.78
CA GLY A 25 4.15 -11.15 4.11
C GLY A 25 3.65 -9.93 4.82
N TYR A 26 3.96 -9.72 6.10
CA TYR A 26 3.34 -8.56 6.76
C TYR A 26 4.37 -7.51 7.14
N THR A 27 5.61 -7.90 7.44
CA THR A 27 6.58 -6.89 7.87
C THR A 27 7.93 -7.03 7.17
N LEU A 28 8.87 -6.13 7.46
CA LEU A 28 10.21 -6.26 6.93
C LEU A 28 11.22 -6.80 7.94
N SER A 29 12.16 -7.59 7.45
CA SER A 29 13.28 -8.11 8.22
C SER A 29 14.59 -7.68 7.58
N PRO A 30 14.90 -6.41 7.77
CA PRO A 30 16.02 -5.77 7.09
C PRO A 30 17.36 -6.43 7.44
N MET A 31 17.39 -7.12 8.57
CA MET A 31 18.61 -7.78 9.02
C MET A 31 18.51 -9.28 8.87
N GLY A 32 17.54 -9.74 8.07
CA GLY A 32 17.42 -11.19 7.93
C GLY A 32 16.70 -11.75 9.15
N THR A 33 16.81 -13.04 9.34
CA THR A 33 16.17 -13.68 10.50
C THR A 33 16.74 -15.08 10.64
N THR A 34 16.28 -15.79 11.66
CA THR A 34 16.70 -17.17 11.83
C THR A 34 15.48 -18.02 12.16
N TYR A 35 15.69 -19.32 12.04
CA TYR A 35 14.65 -20.26 12.47
C TYR A 35 15.32 -21.18 13.50
N ASN A 36 14.91 -21.00 14.74
CA ASN A 36 15.52 -21.64 15.89
C ASN A 36 14.68 -22.80 16.41
N ALA A 37 15.34 -23.94 16.52
CA ALA A 37 14.78 -25.13 17.16
C ALA A 37 15.80 -25.56 18.22
N TYR A 38 15.32 -26.26 19.24
CA TYR A 38 16.23 -26.66 20.31
C TYR A 38 16.13 -28.15 20.58
N LEU A 39 17.29 -28.78 20.44
CA LEU A 39 17.50 -30.19 20.72
C LEU A 39 17.95 -30.39 22.16
N VAL A 40 17.16 -31.12 22.94
CA VAL A 40 17.51 -31.42 24.32
C VAL A 40 17.81 -32.91 24.51
N GLU A 41 19.06 -33.20 24.83
CA GLU A 41 19.49 -34.58 25.08
C GLU A 41 19.14 -35.04 26.49
N ASP A 42 18.21 -35.97 26.58
CA ASP A 42 17.81 -36.69 27.78
C ASP A 42 17.56 -38.17 27.43
N GLU A 43 17.02 -38.92 28.38
CA GLU A 43 16.70 -40.33 28.09
C GLU A 43 15.66 -40.32 26.97
N LYS A 44 14.62 -39.54 27.23
CA LYS A 44 13.67 -39.10 26.22
C LYS A 44 14.28 -37.89 25.51
N THR A 45 14.81 -38.08 24.31
CA THR A 45 15.45 -36.95 23.64
C THR A 45 14.44 -36.11 22.88
N THR A 46 14.47 -34.80 23.13
CA THR A 46 13.39 -33.95 22.65
C THR A 46 13.84 -32.78 21.78
N LEU A 47 13.04 -32.56 20.74
CA LEU A 47 13.15 -31.46 19.81
C LEU A 47 12.07 -30.44 20.07
N PHE A 48 12.42 -29.18 20.37
CA PHE A 48 11.44 -28.12 20.54
CA PHE A 48 11.32 -28.25 20.64
C PHE A 48 11.42 -27.27 19.28
C PHE A 48 10.82 -27.59 19.38
N ASP A 49 10.24 -26.90 18.82
N ASP A 49 11.57 -26.72 18.71
CA ASP A 49 10.03 -26.12 17.61
CA ASP A 49 10.97 -26.01 17.57
C ASP A 49 10.44 -26.96 16.39
C ASP A 49 11.17 -26.71 16.24
N THR A 50 10.38 -26.34 15.23
CA THR A 50 10.73 -26.95 13.91
C THR A 50 11.29 -25.82 13.06
N VAL A 51 11.40 -25.80 11.75
CA VAL A 51 11.73 -24.57 11.00
C VAL A 51 10.81 -24.41 9.80
N LYS A 52 11.00 -23.33 9.05
CA LYS A 52 10.32 -23.15 7.78
C LYS A 52 10.54 -24.40 6.95
N ALA A 53 9.56 -24.89 6.21
CA ALA A 53 9.69 -26.16 5.49
C ALA A 53 10.96 -26.24 4.65
N GLU A 54 11.34 -25.13 4.03
CA GLU A 54 12.44 -25.10 3.09
C GLU A 54 13.79 -25.31 3.78
N TYR A 55 13.78 -25.33 5.10
CA TYR A 55 15.03 -25.50 5.83
C TYR A 55 15.07 -26.82 6.60
N LYS A 56 14.14 -27.73 6.33
CA LYS A 56 14.14 -29.04 7.00
C LYS A 56 15.51 -29.69 6.89
N GLY A 57 16.14 -29.60 5.71
CA GLY A 57 17.48 -30.15 5.55
C GLY A 57 18.50 -29.57 6.50
N GLU A 58 18.59 -28.23 6.57
CA GLU A 58 19.58 -27.67 7.49
C GLU A 58 19.27 -28.09 8.92
N LEU A 59 17.98 -28.23 9.23
CA LEU A 59 17.61 -28.63 10.58
C LEU A 59 18.08 -30.04 10.85
N LEU A 60 17.78 -30.96 9.94
CA LEU A 60 18.13 -32.36 10.19
C LEU A 60 19.64 -32.54 10.26
N CYS A 61 20.35 -31.80 9.41
CA CYS A 61 21.80 -31.85 9.41
C CYS A 61 22.32 -31.45 10.79
N GLY A 62 21.78 -30.36 11.32
CA GLY A 62 22.23 -29.82 12.59
C GLY A 62 21.97 -30.83 13.69
N ILE A 63 20.71 -31.25 13.76
CA ILE A 63 20.29 -32.31 14.66
C ILE A 63 21.28 -33.48 14.62
N ALA A 64 21.51 -33.99 13.41
CA ALA A 64 22.33 -35.17 13.21
C ALA A 64 23.75 -34.97 13.72
N SER A 65 24.16 -33.72 13.83
CA SER A 65 25.51 -33.38 14.28
C SER A 65 25.70 -33.79 15.74
N VAL A 66 24.56 -33.93 16.41
CA VAL A 66 24.51 -34.28 17.81
C VAL A 66 24.11 -35.75 18.01
N ILE A 67 23.19 -36.19 17.16
CA ILE A 67 22.53 -37.47 17.35
C ILE A 67 21.77 -37.89 16.10
N ASP A 68 21.57 -39.19 15.92
CA ASP A 68 20.75 -39.65 14.80
C ASP A 68 19.30 -39.23 15.01
N PRO A 69 18.72 -38.53 14.06
CA PRO A 69 17.35 -38.03 14.21
C PRO A 69 16.36 -39.10 14.65
N LYS A 70 16.56 -40.36 14.30
CA LYS A 70 15.60 -41.42 14.65
C LYS A 70 15.64 -41.75 16.14
N LYS A 71 16.59 -41.17 16.87
CA LYS A 71 16.70 -41.35 18.30
C LYS A 71 15.85 -40.33 19.05
N ILE A 72 15.42 -39.29 18.35
CA ILE A 72 14.56 -38.30 18.99
C ILE A 72 13.23 -38.95 19.34
N ASP A 73 12.72 -38.76 20.56
CA ASP A 73 11.47 -39.42 20.90
C ASP A 73 10.30 -38.43 20.87
N TYR A 74 10.62 -37.21 21.31
CA TYR A 74 9.59 -36.23 21.54
C TYR A 74 9.72 -35.02 20.63
N LEU A 75 8.55 -34.55 20.20
CA LEU A 75 8.46 -33.31 19.42
C LEU A 75 7.54 -32.36 20.18
N VAL A 76 8.04 -31.19 20.56
CA VAL A 76 7.13 -30.25 21.22
C VAL A 76 6.80 -29.11 20.26
N ILE A 77 5.56 -29.03 19.81
CA ILE A 77 5.19 -27.95 18.90
C ILE A 77 4.41 -26.86 19.63
N GLN A 78 5.12 -25.74 19.78
CA GLN A 78 4.69 -24.62 20.60
C GLN A 78 3.92 -23.57 19.83
N HIS A 79 3.91 -23.66 18.50
CA HIS A 79 3.25 -22.61 17.69
C HIS A 79 3.00 -23.24 16.34
N LEU A 80 1.84 -23.06 15.73
CA LEU A 80 1.56 -23.85 14.52
C LEU A 80 1.78 -23.04 13.24
N GLU A 81 2.12 -21.77 13.39
CA GLU A 81 2.53 -20.96 12.24
C GLU A 81 3.63 -21.69 11.48
N LEU A 82 3.57 -21.64 10.15
CA LEU A 82 4.40 -22.55 9.36
C LEU A 82 5.89 -22.26 9.47
N ASP A 83 6.30 -21.10 9.96
CA ASP A 83 7.76 -20.97 10.08
C ASP A 83 8.27 -21.76 11.27
N HIS A 84 7.36 -22.13 12.17
CA HIS A 84 7.71 -22.89 13.36
C HIS A 84 7.43 -24.38 13.15
N ALA A 85 6.35 -24.67 12.43
CA ALA A 85 5.84 -26.03 12.33
C ALA A 85 5.95 -26.62 10.94
N GLY A 86 6.53 -25.89 10.00
CA GLY A 86 6.51 -26.30 8.62
C GLY A 86 7.21 -27.60 8.31
N ALA A 87 8.22 -27.94 9.09
CA ALA A 87 9.00 -29.15 8.84
C ALA A 87 8.49 -30.30 9.70
N LEU A 88 7.38 -30.05 10.40
CA LEU A 88 6.79 -31.08 11.26
C LEU A 88 6.55 -32.36 10.47
N PRO A 89 5.85 -32.33 9.34
CA PRO A 89 5.70 -33.56 8.55
C PRO A 89 7.03 -34.24 8.24
N ALA A 90 8.04 -33.51 7.78
CA ALA A 90 9.32 -34.17 7.50
C ALA A 90 9.92 -34.77 8.76
N LEU A 91 9.73 -34.11 9.90
CA LEU A 91 10.36 -34.59 11.12
C LEU A 91 9.67 -35.85 11.64
N ILE A 92 8.35 -35.88 11.54
CA ILE A 92 7.62 -37.08 11.94
C ILE A 92 8.16 -38.27 11.15
N GLU A 93 8.45 -37.96 9.89
CA GLU A 93 9.01 -38.94 8.96
C GLU A 93 10.40 -39.39 9.38
N ALA A 94 11.32 -38.45 9.61
CA ALA A 94 12.70 -38.80 9.89
C ALA A 94 12.92 -39.31 11.32
N CYS A 95 12.09 -38.84 12.24
CA CYS A 95 12.32 -39.15 13.65
C CYS A 95 11.45 -40.29 14.15
N GLN A 96 10.28 -40.43 13.53
CA GLN A 96 9.29 -41.42 13.98
C GLN A 96 9.09 -41.22 15.48
N PRO A 97 8.66 -40.03 15.86
CA PRO A 97 8.65 -39.70 17.29
C PRO A 97 7.58 -40.49 18.03
N GLU A 98 7.85 -40.77 19.29
CA GLU A 98 6.85 -41.46 20.11
C GLU A 98 5.71 -40.52 20.43
N LYS A 99 6.08 -39.25 20.66
CA LYS A 99 5.02 -38.31 21.02
C LYS A 99 5.28 -36.91 20.51
N ILE A 100 4.18 -36.31 20.08
CA ILE A 100 4.19 -34.91 19.67
C ILE A 100 3.44 -34.10 20.72
N PHE A 101 4.16 -33.22 21.40
CA PHE A 101 3.51 -32.38 22.40
C PHE A 101 3.14 -31.00 21.85
N THR A 102 1.89 -30.62 22.03
CA THR A 102 1.40 -29.32 21.63
C THR A 102 0.31 -28.83 22.57
N SER A 103 0.05 -27.52 22.52
CA SER A 103 -1.00 -26.99 23.39
C SER A 103 -2.36 -27.48 22.88
N SER A 104 -3.38 -27.29 23.71
CA SER A 104 -4.70 -27.73 23.28
C SER A 104 -5.12 -26.91 22.06
N LEU A 105 -4.93 -25.60 22.14
CA LEU A 105 -5.25 -24.78 20.96
C LEU A 105 -4.27 -25.11 19.84
N GLY A 106 -3.04 -25.45 20.22
CA GLY A 106 -2.11 -25.97 19.22
C GLY A 106 -2.60 -27.19 18.50
N GLN A 107 -3.25 -28.13 19.20
CA GLN A 107 -3.61 -29.34 18.44
C GLN A 107 -4.71 -28.99 17.45
N LYS A 108 -5.50 -27.99 17.87
CA LYS A 108 -6.56 -27.47 17.01
C LYS A 108 -5.96 -26.95 15.71
N ALA A 109 -5.05 -25.99 15.86
CA ALA A 109 -4.40 -25.41 14.69
C ALA A 109 -3.63 -26.48 13.94
N MET A 110 -3.17 -27.51 14.66
CA MET A 110 -2.38 -28.51 13.95
C MET A 110 -3.26 -29.26 12.96
N GLU A 111 -4.56 -29.39 13.24
CA GLU A 111 -5.36 -30.13 12.26
C GLU A 111 -5.75 -29.26 11.08
N SER A 112 -6.11 -27.99 11.29
CA SER A 112 -6.52 -27.14 10.17
C SER A 112 -5.35 -26.70 9.30
N HIS A 113 -4.13 -26.91 9.77
CA HIS A 113 -2.96 -26.70 8.96
C HIS A 113 -2.53 -28.00 8.28
N PHE A 114 -2.53 -29.13 9.02
CA PHE A 114 -1.89 -30.32 8.44
C PHE A 114 -2.90 -31.40 8.11
N HIS A 115 -4.07 -31.33 8.72
CA HIS A 115 -5.13 -32.29 8.43
C HIS A 115 -4.59 -33.71 8.54
N TYR A 116 -3.82 -33.95 9.60
CA TYR A 116 -3.11 -35.19 9.82
C TYR A 116 -4.03 -36.35 10.21
N LYS A 117 -3.64 -37.54 9.77
CA LYS A 117 -4.50 -38.68 10.11
C LYS A 117 -3.98 -39.42 11.32
N ASP A 118 -2.77 -39.97 11.29
CA ASP A 118 -2.47 -40.76 12.49
C ASP A 118 -1.20 -40.31 13.18
N TRP A 119 -1.26 -39.16 13.86
CA TRP A 119 -0.11 -38.60 14.54
C TRP A 119 -0.26 -38.76 16.05
N PRO A 120 0.81 -39.14 16.74
CA PRO A 120 0.72 -39.30 18.20
C PRO A 120 0.70 -37.95 18.89
N VAL A 121 -0.31 -37.14 18.58
CA VAL A 121 -0.46 -35.84 19.22
C VAL A 121 -0.97 -36.02 20.64
N GLN A 122 -0.35 -35.30 21.58
CA GLN A 122 -0.77 -35.33 22.96
C GLN A 122 -0.79 -33.90 23.49
N VAL A 123 -1.95 -33.45 23.91
CA VAL A 123 -2.17 -32.10 24.41
C VAL A 123 -1.60 -31.92 25.81
N VAL A 124 -0.77 -30.89 25.98
CA VAL A 124 -0.31 -30.53 27.32
C VAL A 124 -1.09 -29.32 27.82
N LYS A 125 -1.18 -29.17 29.13
CA LYS A 125 -2.01 -28.21 29.82
C LYS A 125 -1.15 -27.15 30.50
N HIS A 126 -1.72 -25.97 30.74
CA HIS A 126 -0.93 -24.90 31.34
C HIS A 126 -0.39 -25.36 32.69
N GLY A 127 0.93 -25.33 32.85
CA GLY A 127 1.51 -25.73 34.13
C GLY A 127 1.89 -27.20 34.18
N GLU A 128 1.42 -27.98 33.21
CA GLU A 128 1.76 -29.40 33.23
C GLU A 128 3.27 -29.58 33.11
N THR A 129 3.77 -30.64 33.73
CA THR A 129 5.17 -31.02 33.59
C THR A 129 5.28 -32.35 32.85
N LEU A 130 6.50 -32.59 32.39
CA LEU A 130 6.82 -33.77 31.62
C LEU A 130 8.25 -34.21 31.92
N SER A 131 8.38 -35.44 32.35
CA SER A 131 9.68 -36.05 32.58
C SER A 131 10.33 -36.40 31.25
N LEU A 132 11.57 -35.98 31.03
CA LEU A 132 12.24 -36.31 29.77
C LEU A 132 13.35 -37.33 30.05
N GLY A 133 13.45 -37.65 31.33
CA GLY A 133 14.43 -38.52 31.94
C GLY A 133 15.06 -37.82 33.14
N LYS A 134 16.33 -37.44 33.00
CA LYS A 134 16.95 -36.67 34.08
C LYS A 134 16.33 -35.29 34.19
N ARG A 135 15.97 -34.66 33.05
CA ARG A 135 15.38 -33.33 33.18
C ARG A 135 13.87 -33.41 33.21
N THR A 136 13.21 -32.36 33.71
CA THR A 136 11.75 -32.30 33.58
C THR A 136 11.33 -30.91 33.11
N VAL A 137 10.55 -30.87 32.03
CA VAL A 137 10.17 -29.58 31.45
C VAL A 137 8.76 -29.19 31.88
N THR A 138 8.50 -27.88 31.98
CA THR A 138 7.17 -27.42 32.38
C THR A 138 6.55 -26.52 31.31
N PHE A 139 5.28 -26.75 31.00
CA PHE A 139 4.62 -26.03 29.93
C PHE A 139 3.71 -24.92 30.40
N TYR A 140 3.92 -23.73 29.83
CA TYR A 140 3.02 -22.62 30.15
C TYR A 140 2.30 -22.14 28.89
N GLU A 141 1.04 -21.77 29.08
CA GLU A 141 0.25 -21.27 27.95
C GLU A 141 0.38 -19.74 27.87
N THR A 142 0.48 -19.28 26.63
CA THR A 142 0.65 -17.86 26.35
C THR A 142 -0.25 -17.47 25.18
N ARG A 143 -1.54 -17.79 25.31
CA ARG A 143 -2.51 -17.50 24.26
C ARG A 143 -2.41 -16.05 23.81
N MET A 144 -2.61 -15.84 22.51
CA MET A 144 -2.54 -14.59 21.78
C MET A 144 -1.16 -13.92 21.88
N LEU A 145 -0.13 -14.74 22.07
CA LEU A 145 1.24 -14.26 22.04
C LEU A 145 2.05 -15.10 21.06
N HIS A 146 1.81 -14.98 19.76
CA HIS A 146 0.83 -14.07 19.18
C HIS A 146 -0.33 -14.79 18.53
N TRP A 147 -0.42 -16.10 18.69
CA TRP A 147 -1.57 -16.88 18.24
C TRP A 147 -2.22 -17.58 19.42
N PRO A 148 -3.45 -18.06 19.28
CA PRO A 148 -4.08 -18.79 20.38
C PRO A 148 -3.29 -20.02 20.83
N ASP A 149 -2.56 -20.68 19.95
CA ASP A 149 -1.89 -21.93 20.26
C ASP A 149 -0.58 -21.75 21.01
N SER A 150 -0.10 -20.53 21.05
CA SER A 150 1.17 -20.20 21.69
C SER A 150 1.31 -20.74 23.11
N MET A 151 2.44 -21.39 23.37
CA MET A 151 2.81 -21.83 24.69
C MET A 151 4.33 -21.83 24.82
N VAL A 152 4.85 -21.77 26.04
CA VAL A 152 6.31 -21.76 26.17
C VAL A 152 6.77 -22.90 27.05
N SER A 153 8.07 -23.20 27.03
CA SER A 153 8.58 -24.34 27.78
C SER A 153 9.67 -23.92 28.76
N TRP A 154 9.51 -24.40 29.98
CA TRP A 154 10.38 -24.03 31.07
C TRP A 154 11.14 -25.21 31.65
N PHE A 155 12.45 -25.05 31.69
CA PHE A 155 13.37 -25.90 32.43
C PHE A 155 13.75 -25.15 33.71
N ALA A 156 13.01 -25.45 34.77
CA ALA A 156 13.16 -24.79 36.05
C ALA A 156 14.56 -24.99 36.61
N ASP A 157 15.06 -26.22 36.56
CA ASP A 157 16.41 -26.42 37.09
C ASP A 157 17.45 -25.74 36.23
N GLU A 158 17.44 -25.97 34.91
CA GLU A 158 18.42 -25.33 34.04
C GLU A 158 18.13 -23.85 33.84
N LYS A 159 16.93 -23.42 34.23
CA LYS A 159 16.53 -22.02 34.08
C LYS A 159 16.58 -21.60 32.62
N VAL A 160 16.04 -22.48 31.79
CA VAL A 160 15.96 -22.33 30.36
C VAL A 160 14.50 -22.14 29.92
N LEU A 161 14.22 -20.96 29.40
CA LEU A 161 12.91 -20.68 28.84
C LEU A 161 12.98 -20.73 27.32
N ILE A 162 12.25 -21.66 26.74
CA ILE A 162 12.10 -21.79 25.30
C ILE A 162 10.74 -21.20 24.89
N SER A 163 10.74 -20.02 24.30
CA SER A 163 9.62 -19.10 24.21
C SER A 163 8.95 -18.91 22.86
N ASN A 164 9.18 -19.74 21.86
CA ASN A 164 8.63 -19.55 20.51
C ASN A 164 8.92 -18.13 20.02
N ASP A 165 7.98 -17.44 19.41
CA ASP A 165 8.24 -16.12 18.86
C ASP A 165 8.51 -15.07 19.92
N ILE A 166 8.03 -15.28 21.14
CA ILE A 166 8.20 -14.29 22.20
C ILE A 166 9.68 -14.04 22.48
N PHE A 167 10.05 -12.76 22.49
CA PHE A 167 11.40 -12.31 22.75
C PHE A 167 12.26 -12.47 21.50
N GLY A 168 11.62 -12.98 20.45
CA GLY A 168 12.29 -13.18 19.19
C GLY A 168 12.72 -11.85 18.59
N GLN A 169 13.77 -11.90 17.77
CA GLN A 169 14.13 -10.69 17.05
C GLN A 169 14.60 -11.14 15.67
N ASN A 170 14.31 -10.36 14.63
CA ASN A 170 14.82 -10.74 13.31
C ASN A 170 16.26 -10.27 13.13
N ILE A 171 17.20 -11.10 13.55
CA ILE A 171 18.62 -10.82 13.36
C ILE A 171 19.33 -12.04 12.79
N ALA A 172 19.86 -11.90 11.58
CA ALA A 172 20.64 -12.99 10.98
C ALA A 172 22.11 -12.67 11.19
N ALA A 173 22.84 -13.53 11.90
CA ALA A 173 24.23 -13.17 12.20
C ALA A 173 25.08 -14.39 12.51
N SER A 174 26.40 -14.22 12.47
CA SER A 174 27.24 -15.33 12.90
C SER A 174 27.11 -15.53 14.40
N GLU A 175 26.74 -14.47 15.11
CA GLU A 175 26.60 -14.42 16.55
C GLU A 175 25.22 -14.94 16.96
N ARG A 176 25.15 -15.95 17.82
CA ARG A 176 23.85 -16.51 18.17
C ARG A 176 23.41 -16.13 19.59
N PHE A 177 24.23 -15.35 20.30
CA PHE A 177 23.85 -15.00 21.67
C PHE A 177 23.76 -13.49 21.89
N SER A 178 22.80 -13.12 22.75
CA SER A 178 22.49 -11.71 22.97
C SER A 178 23.71 -10.92 23.44
N ASP A 179 24.61 -11.57 24.18
CA ASP A 179 25.77 -10.86 24.69
C ASP A 179 26.84 -10.64 23.63
N GLN A 180 26.63 -11.17 22.44
CA GLN A 180 27.65 -11.02 21.40
C GLN A 180 27.28 -9.93 20.42
N ILE A 181 26.12 -9.32 20.62
CA ILE A 181 25.69 -8.22 19.77
C ILE A 181 25.42 -6.99 20.64
N PRO A 182 25.71 -5.84 20.06
CA PRO A 182 25.51 -4.57 20.74
C PRO A 182 24.05 -4.40 21.14
N VAL A 183 23.85 -3.87 22.34
CA VAL A 183 22.51 -3.71 22.87
C VAL A 183 21.61 -2.91 21.93
N HIS A 184 22.13 -1.78 21.45
CA HIS A 184 21.30 -0.92 20.61
C HIS A 184 20.79 -1.71 19.41
N THR A 185 21.68 -2.53 18.85
CA THR A 185 21.21 -3.35 17.73
C THR A 185 20.14 -4.32 18.22
N LEU A 186 20.49 -5.02 19.28
CA LEU A 186 19.60 -6.03 19.84
C LEU A 186 18.26 -5.42 20.23
N GLU A 187 18.31 -4.25 20.85
CA GLU A 187 17.10 -3.63 21.36
C GLU A 187 16.18 -3.16 20.23
N ARG A 188 16.77 -2.48 19.25
CA ARG A 188 15.97 -1.96 18.14
C ARG A 188 15.24 -3.11 17.46
N ALA A 189 15.91 -4.23 17.27
CA ALA A 189 15.29 -5.37 16.60
C ALA A 189 14.20 -5.99 17.46
N MET A 190 14.39 -5.94 18.78
CA MET A 190 13.35 -6.50 19.63
C MET A 190 12.05 -5.72 19.51
N ARG A 191 12.23 -4.40 19.54
CA ARG A 191 11.09 -3.50 19.47
C ARG A 191 10.46 -3.64 18.08
N GLU A 192 11.31 -3.68 17.04
CA GLU A 192 10.75 -3.79 15.69
C GLU A 192 9.91 -5.05 15.59
N TYR A 193 10.44 -6.10 16.22
CA TYR A 193 9.69 -7.35 16.24
C TYR A 193 8.42 -7.18 17.05
N TYR A 194 8.52 -6.68 18.29
CA TYR A 194 7.33 -6.51 19.11
C TYR A 194 6.30 -5.64 18.40
N ALA A 195 6.74 -4.48 17.94
CA ALA A 195 5.81 -3.47 17.45
C ALA A 195 4.95 -3.98 16.30
N ASN A 196 5.50 -4.86 15.48
CA ASN A 196 4.78 -5.31 14.29
C ASN A 196 4.08 -6.66 14.41
N ILE A 197 4.17 -7.37 15.54
CA ILE A 197 3.35 -8.58 15.62
C ILE A 197 2.71 -8.80 16.99
N VAL A 198 3.37 -8.45 18.08
CA VAL A 198 2.80 -8.70 19.40
C VAL A 198 1.99 -7.52 19.93
N ASN A 199 2.22 -6.32 19.42
CA ASN A 199 1.60 -5.12 19.97
C ASN A 199 0.12 -5.18 20.24
N PRO A 200 -0.72 -5.70 19.35
CA PRO A 200 -2.15 -5.74 19.68
C PRO A 200 -2.44 -6.57 20.94
N TYR A 201 -1.52 -7.43 21.36
CA TYR A 201 -1.71 -8.26 22.55
C TYR A 201 -0.83 -7.80 23.70
N ALA A 202 -0.70 -6.49 23.81
CA ALA A 202 -0.03 -5.87 24.95
C ALA A 202 -0.59 -6.39 26.27
N PRO A 203 -1.89 -6.37 26.52
CA PRO A 203 -2.39 -6.85 27.82
C PRO A 203 -1.98 -8.29 28.09
N GLN A 204 -2.17 -9.17 27.10
CA GLN A 204 -1.78 -10.56 27.35
C GLN A 204 -0.28 -10.61 27.65
N THR A 205 0.43 -9.70 26.99
CA THR A 205 1.87 -9.63 27.18
C THR A 205 2.16 -9.45 28.67
N LEU A 206 1.47 -8.47 29.24
CA LEU A 206 1.67 -8.14 30.64
C LEU A 206 1.19 -9.27 31.55
N LYS A 207 0.01 -9.82 31.27
CA LYS A 207 -0.51 -10.91 32.09
C LYS A 207 0.46 -12.08 32.11
N ALA A 208 0.81 -12.56 30.91
CA ALA A 208 1.68 -13.73 30.81
C ALA A 208 2.98 -13.50 31.55
N ILE A 209 3.49 -12.27 31.47
CA ILE A 209 4.75 -12.04 32.17
C ILE A 209 4.52 -12.06 33.66
N GLU A 210 3.35 -11.57 34.07
CA GLU A 210 2.96 -11.65 35.47
C GLU A 210 2.95 -13.09 35.95
N THR A 211 2.28 -13.95 35.18
CA THR A 211 2.16 -15.33 35.67
C THR A 211 3.47 -16.07 35.59
N LEU A 212 4.32 -15.78 34.61
CA LEU A 212 5.56 -16.58 34.59
C LEU A 212 6.42 -16.22 35.80
N VAL A 213 6.43 -14.94 36.12
CA VAL A 213 7.14 -14.45 37.30
C VAL A 213 6.41 -14.93 38.56
N GLY A 214 5.09 -14.96 38.48
CA GLY A 214 4.26 -15.48 39.57
C GLY A 214 4.75 -16.88 39.89
N ALA A 215 4.77 -17.72 38.87
CA ALA A 215 5.50 -18.99 39.01
C ALA A 215 6.97 -18.66 39.14
N GLY A 216 7.91 -19.61 39.20
CA GLY A 216 9.24 -19.03 39.45
C GLY A 216 10.08 -18.94 38.20
N VAL A 217 9.56 -18.29 37.15
CA VAL A 217 10.36 -18.27 35.93
C VAL A 217 11.32 -17.08 35.93
N ALA A 218 12.58 -17.39 36.21
CA ALA A 218 13.69 -16.47 36.19
C ALA A 218 14.87 -17.06 35.42
N PRO A 219 14.78 -16.89 34.10
CA PRO A 219 15.67 -17.59 33.18
C PRO A 219 17.11 -17.10 33.21
N GLU A 220 18.01 -18.02 32.86
CA GLU A 220 19.41 -17.77 32.60
C GLU A 220 19.64 -17.74 31.09
N PHE A 221 18.70 -18.37 30.40
CA PHE A 221 18.63 -18.45 28.96
C PHE A 221 17.21 -18.30 28.43
N ILE A 222 17.00 -17.34 27.53
CA ILE A 222 15.72 -17.36 26.82
C ILE A 222 15.97 -17.71 25.35
N CYS A 223 15.24 -18.71 24.88
CA CYS A 223 15.41 -19.30 23.57
C CYS A 223 14.17 -19.12 22.70
N PRO A 224 14.19 -18.06 21.90
CA PRO A 224 13.12 -17.78 20.95
C PRO A 224 13.34 -18.43 19.57
N ASP A 225 12.28 -18.45 18.78
CA ASP A 225 12.18 -18.97 17.44
C ASP A 225 13.06 -18.24 16.43
N HIS A 226 13.27 -16.95 16.64
CA HIS A 226 13.99 -16.09 15.73
C HIS A 226 15.03 -15.24 16.44
N GLY A 227 16.23 -15.20 15.86
CA GLY A 227 17.23 -14.28 16.38
C GLY A 227 18.12 -14.95 17.42
N VAL A 228 18.80 -14.13 18.20
CA VAL A 228 19.80 -14.65 19.13
C VAL A 228 19.18 -15.15 20.42
N ILE A 229 19.96 -15.98 21.10
CA ILE A 229 19.55 -16.50 22.40
C ILE A 229 19.94 -15.53 23.52
N PHE A 230 19.05 -15.33 24.49
CA PHE A 230 19.38 -14.49 25.63
C PHE A 230 20.17 -15.30 26.65
N ARG A 231 21.45 -14.97 26.77
CA ARG A 231 22.35 -15.75 27.62
C ARG A 231 22.77 -14.97 28.86
N GLY A 232 22.33 -15.45 30.01
CA GLY A 232 22.63 -14.81 31.28
C GLY A 232 21.41 -14.14 31.88
N ALA A 233 21.24 -14.27 33.19
CA ALA A 233 20.07 -13.73 33.86
C ALA A 233 19.92 -12.24 33.60
N ASP A 234 21.06 -11.52 33.49
CA ASP A 234 20.88 -10.08 33.26
C ASP A 234 20.19 -9.87 31.92
N GLN A 235 20.72 -10.55 30.91
CA GLN A 235 20.17 -10.51 29.56
C GLN A 235 18.70 -10.92 29.57
N CYS A 236 18.44 -12.02 30.26
CA CYS A 236 17.04 -12.46 30.31
C CYS A 236 16.17 -11.44 31.01
N THR A 237 16.77 -10.69 31.94
CA THR A 237 15.97 -9.72 32.69
C THR A 237 15.72 -8.50 31.80
N PHE A 238 16.76 -8.16 31.04
CA PHE A 238 16.64 -7.15 30.00
C PHE A 238 15.45 -7.45 29.09
N ALA A 239 15.42 -8.65 28.51
CA ALA A 239 14.35 -9.04 27.60
C ALA A 239 12.96 -8.79 28.21
N VAL A 240 12.78 -9.28 29.43
CA VAL A 240 11.48 -9.19 30.08
C VAL A 240 11.15 -7.77 30.51
N GLN A 241 12.17 -7.04 30.96
CA GLN A 241 12.02 -5.62 31.23
C GLN A 241 11.36 -4.93 30.06
N LYS A 242 12.04 -5.06 28.92
CA LYS A 242 11.66 -4.46 27.65
C LYS A 242 10.26 -4.84 27.21
N TYR A 243 9.90 -6.11 27.28
CA TYR A 243 8.57 -6.52 26.84
C TYR A 243 7.51 -5.79 27.64
N VAL A 244 7.76 -5.66 28.93
CA VAL A 244 6.85 -4.91 29.79
C VAL A 244 6.76 -3.47 29.30
N GLU A 245 7.92 -2.85 29.09
CA GLU A 245 7.98 -1.52 28.50
C GLU A 245 7.31 -1.46 27.14
N TYR A 246 7.59 -2.44 26.27
CA TYR A 246 6.91 -2.43 24.98
C TYR A 246 5.40 -2.48 25.17
N ALA A 247 4.92 -3.36 26.03
CA ALA A 247 3.49 -3.54 26.19
C ALA A 247 2.83 -2.32 26.85
N GLU A 248 3.60 -1.59 27.64
CA GLU A 248 3.03 -0.46 28.39
C GLU A 248 2.82 0.75 27.48
N GLN A 249 3.64 0.91 26.45
CA GLN A 249 3.37 1.93 25.45
C GLN A 249 3.20 3.31 26.06
N LYS A 250 4.15 3.62 26.96
CA LYS A 250 4.09 4.94 27.57
C LYS A 250 4.58 5.98 26.57
N PRO A 251 3.92 7.12 26.49
CA PRO A 251 4.33 8.20 25.62
C PRO A 251 5.75 8.68 25.88
N THR A 252 6.35 9.24 24.84
CA THR A 252 7.57 10.00 24.89
C THR A 252 7.36 11.28 24.07
N ASN A 253 8.36 12.15 24.08
CA ASN A 253 8.35 13.43 23.41
C ASN A 253 8.60 13.29 21.91
N LYS A 254 8.32 12.12 21.37
CA LYS A 254 8.57 11.79 19.97
C LYS A 254 7.30 11.95 19.14
N VAL A 255 7.46 12.66 18.02
CA VAL A 255 6.36 12.85 17.10
C VAL A 255 6.72 12.20 15.77
N VAL A 256 5.86 11.33 15.28
CA VAL A 256 5.94 10.68 14.00
C VAL A 256 4.91 11.32 13.07
N ILE A 257 5.40 11.93 12.01
CA ILE A 257 4.55 12.47 10.98
C ILE A 257 4.64 11.59 9.73
N PHE A 258 3.51 11.06 9.27
CA PHE A 258 3.59 10.28 8.02
C PHE A 258 2.51 10.80 7.10
N TYR A 259 2.86 10.82 5.82
CA TYR A 259 2.06 11.45 4.79
C TYR A 259 2.37 10.77 3.47
N ASP A 260 1.54 11.08 2.49
CA ASP A 260 1.85 10.88 1.08
C ASP A 260 1.33 12.11 0.35
N SER A 261 1.72 12.27 -0.90
CA SER A 261 1.41 13.51 -1.61
C SER A 261 1.60 13.33 -3.11
N MET A 262 0.86 14.08 -3.93
CA MET A 262 1.11 13.96 -5.37
C MET A 262 1.90 15.18 -5.86
N TRP A 263 1.47 16.36 -5.46
CA TRP A 263 2.06 17.61 -5.97
C TRP A 263 2.76 18.40 -4.87
N HIS A 264 3.11 17.73 -3.80
CA HIS A 264 3.97 18.26 -2.75
C HIS A 264 3.35 19.27 -1.83
N SER A 265 2.07 19.62 -1.96
CA SER A 265 1.60 20.62 -0.99
C SER A 265 1.44 19.94 0.37
N THR A 266 0.93 18.71 0.38
CA THR A 266 0.84 18.03 1.66
C THR A 266 2.24 17.80 2.21
N GLU A 267 3.23 17.71 1.32
CA GLU A 267 4.58 17.50 1.81
C GLU A 267 5.12 18.73 2.54
N LYS A 268 4.91 19.91 1.97
CA LYS A 268 5.29 21.19 2.55
C LYS A 268 4.67 21.40 3.92
N MET A 269 3.36 21.15 4.00
CA MET A 269 2.69 21.15 5.29
C MET A 269 3.44 20.23 6.26
N ALA A 270 3.75 19.01 5.82
CA ALA A 270 4.47 18.08 6.68
C ALA A 270 5.82 18.64 7.11
N ARG A 271 6.55 19.21 6.16
CA ARG A 271 7.86 19.76 6.52
C ARG A 271 7.70 20.88 7.53
N VAL A 272 6.68 21.71 7.36
CA VAL A 272 6.47 22.77 8.33
C VAL A 272 6.17 22.19 9.71
N LEU A 273 5.27 21.22 9.74
CA LEU A 273 4.91 20.56 10.99
C LEU A 273 6.18 20.05 11.67
N ALA A 274 7.04 19.40 10.89
CA ALA A 274 8.21 18.79 11.52
C ALA A 274 9.05 19.82 12.26
N GLU A 275 9.16 21.01 11.67
CA GLU A 275 9.96 22.09 12.22
C GLU A 275 9.33 22.70 13.47
N SER A 276 8.02 22.94 13.43
CA SER A 276 7.35 23.47 14.62
C SER A 276 7.50 22.49 15.78
N PHE A 277 7.33 21.20 15.50
CA PHE A 277 7.37 20.26 16.62
C PHE A 277 8.76 20.29 17.26
N ARG A 278 9.76 20.39 16.38
CA ARG A 278 11.13 20.47 16.91
C ARG A 278 11.21 21.70 17.82
N ASP A 279 10.68 22.81 17.32
CA ASP A 279 10.66 24.08 18.04
C ASP A 279 10.06 23.93 19.43
N GLU A 280 9.03 23.09 19.52
CA GLU A 280 8.39 22.76 20.78
C GLU A 280 9.20 21.77 21.60
N GLY A 281 10.44 21.50 21.17
CA GLY A 281 11.26 20.53 21.85
C GLY A 281 10.84 19.09 21.68
N CYS A 282 10.23 18.75 20.55
CA CYS A 282 9.94 17.34 20.30
C CYS A 282 11.00 16.72 19.41
N THR A 283 11.14 15.41 19.47
CA THR A 283 11.93 14.70 18.46
C THR A 283 10.96 14.35 17.33
N VAL A 284 11.38 14.55 16.08
CA VAL A 284 10.44 14.28 15.00
C VAL A 284 10.93 13.20 14.05
N LYS A 285 10.01 12.30 13.71
CA LYS A 285 10.21 11.41 12.58
C LYS A 285 9.19 11.83 11.50
N LEU A 286 9.71 12.37 10.41
CA LEU A 286 8.97 12.72 9.21
C LEU A 286 9.10 11.60 8.17
N MET A 287 8.04 10.82 7.97
CA MET A 287 8.14 9.65 7.10
C MET A 287 7.16 9.66 5.94
N TRP A 288 7.70 9.61 4.73
CA TRP A 288 6.98 9.50 3.48
C TRP A 288 6.55 8.07 3.19
N CYS A 289 5.26 7.81 3.01
CA CYS A 289 4.81 6.46 2.74
C CYS A 289 5.39 5.86 1.47
N LYS A 290 5.85 6.69 0.54
CA LYS A 290 6.41 6.08 -0.68
C LYS A 290 7.83 5.59 -0.44
N ALA A 291 8.47 6.02 0.64
CA ALA A 291 9.83 5.66 1.01
C ALA A 291 9.91 4.80 2.25
N CYS A 292 8.83 4.63 3.01
CA CYS A 292 8.93 3.91 4.26
C CYS A 292 7.90 2.80 4.34
N HIS A 293 8.38 1.60 4.64
CA HIS A 293 7.41 0.50 4.77
C HIS A 293 6.42 0.82 5.87
N HIS A 294 5.22 0.25 5.79
CA HIS A 294 4.29 0.41 6.91
C HIS A 294 4.89 -0.15 8.20
N SER A 295 5.69 -1.22 8.09
CA SER A 295 6.22 -1.79 9.33
C SER A 295 7.20 -0.80 9.96
N GLN A 296 7.94 -0.07 9.15
CA GLN A 296 8.90 0.92 9.62
C GLN A 296 8.22 2.04 10.39
N ILE A 297 7.14 2.54 9.78
CA ILE A 297 6.43 3.64 10.44
C ILE A 297 5.95 3.13 11.79
N MET A 298 5.48 1.89 11.81
CA MET A 298 4.97 1.33 13.05
C MET A 298 6.06 1.29 14.11
N SER A 299 7.25 0.90 13.70
CA SER A 299 8.32 0.77 14.70
C SER A 299 8.59 2.13 15.33
N GLU A 300 8.53 3.16 14.49
CA GLU A 300 8.78 4.50 15.01
C GLU A 300 7.64 4.91 15.91
N ILE A 301 6.44 4.43 15.57
CA ILE A 301 5.27 4.87 16.29
C ILE A 301 5.19 4.20 17.66
N SER A 302 5.81 3.03 17.77
CA SER A 302 5.77 2.24 18.99
C SER A 302 6.10 3.07 20.23
N ASP A 303 7.10 3.93 20.14
CA ASP A 303 7.48 4.74 21.29
C ASP A 303 7.22 6.22 21.04
N ALA A 304 6.42 6.56 20.04
CA ALA A 304 6.08 7.98 19.85
C ALA A 304 4.91 8.38 20.73
N GLY A 305 4.81 9.64 21.10
CA GLY A 305 3.65 10.09 21.87
C GLY A 305 2.57 10.66 20.98
N ALA A 306 2.94 11.14 19.80
CA ALA A 306 1.92 11.66 18.89
C ALA A 306 2.14 11.16 17.46
N VAL A 307 1.05 10.84 16.80
CA VAL A 307 1.09 10.36 15.41
C VAL A 307 0.34 11.35 14.54
N ILE A 308 1.03 12.03 13.64
CA ILE A 308 0.41 12.97 12.72
C ILE A 308 0.38 12.41 11.30
N VAL A 309 -0.78 12.45 10.66
CA VAL A 309 -0.99 11.88 9.35
C VAL A 309 -1.46 12.92 8.35
N GLY A 310 -0.85 12.88 7.16
CA GLY A 310 -1.21 13.86 6.14
C GLY A 310 -1.52 13.14 4.85
N SER A 311 -2.59 13.58 4.18
CA SER A 311 -2.87 13.13 2.84
C SER A 311 -3.68 14.18 2.09
N PRO A 312 -3.37 14.34 0.81
CA PRO A 312 -4.22 15.19 -0.02
C PRO A 312 -5.51 14.46 -0.29
N THR A 313 -6.55 15.13 -0.77
CA THR A 313 -7.73 14.35 -1.13
C THR A 313 -7.57 13.75 -2.52
N HIS A 314 -7.66 12.41 -2.58
CA HIS A 314 -7.56 11.74 -3.86
C HIS A 314 -8.85 10.99 -4.11
N ASN A 315 -9.57 11.41 -5.15
CA ASN A 315 -10.86 10.78 -5.47
C ASN A 315 -11.74 10.62 -4.24
N ASN A 316 -12.06 11.74 -3.59
CA ASN A 316 -13.01 11.76 -2.49
C ASN A 316 -12.52 10.99 -1.28
N GLY A 317 -11.22 10.70 -1.26
CA GLY A 317 -10.64 9.98 -0.15
C GLY A 317 -9.15 10.31 0.00
N ILE A 318 -8.45 9.39 0.65
CA ILE A 318 -7.04 9.55 0.92
C ILE A 318 -6.23 8.65 -0.01
N LEU A 319 -4.95 8.95 -0.12
CA LEU A 319 -4.05 8.17 -0.96
C LEU A 319 -3.89 6.75 -0.41
N PRO A 320 -3.79 5.84 -1.38
CA PRO A 320 -3.80 4.40 -1.11
C PRO A 320 -2.79 3.98 -0.05
N TYR A 321 -1.56 4.45 -0.20
CA TYR A 321 -0.47 4.08 0.70
C TYR A 321 -0.70 4.62 2.09
N VAL A 322 -1.40 5.75 2.18
CA VAL A 322 -1.75 6.24 3.52
C VAL A 322 -2.81 5.33 4.14
N ALA A 323 -3.80 4.97 3.33
CA ALA A 323 -4.84 4.05 3.78
C ALA A 323 -4.25 2.71 4.20
N GLY A 324 -3.35 2.15 3.39
CA GLY A 324 -2.77 0.85 3.73
C GLY A 324 -1.99 0.89 5.04
N THR A 325 -1.26 1.98 5.25
CA THR A 325 -0.49 2.14 6.48
C THR A 325 -1.36 2.31 7.70
N LEU A 326 -2.45 3.08 7.54
CA LEU A 326 -3.37 3.23 8.66
C LEU A 326 -4.03 1.88 8.97
N GLN A 327 -4.40 1.14 7.93
CA GLN A 327 -4.97 -0.19 8.15
C GLN A 327 -4.00 -1.02 8.99
N TYR A 328 -2.75 -1.05 8.55
CA TYR A 328 -1.74 -1.82 9.26
C TYR A 328 -1.69 -1.40 10.71
N ILE A 329 -1.63 -0.07 10.89
CA ILE A 329 -1.44 0.47 12.23
C ILE A 329 -2.63 0.20 13.13
N LYS A 330 -3.83 0.41 12.59
CA LYS A 330 -5.03 0.20 13.38
C LYS A 330 -5.07 -1.21 13.96
N GLY A 331 -4.65 -2.20 13.17
CA GLY A 331 -4.67 -3.58 13.60
C GLY A 331 -3.70 -3.82 14.75
N LEU A 332 -2.62 -3.03 14.81
CA LEU A 332 -1.62 -3.33 15.84
C LEU A 332 -1.96 -2.67 17.17
N ARG A 333 -3.07 -1.96 17.17
CA ARG A 333 -3.66 -1.27 18.30
C ARG A 333 -2.68 -0.49 19.14
N PRO A 334 -1.98 0.48 18.60
CA PRO A 334 -1.11 1.34 19.42
C PRO A 334 -1.94 2.13 20.43
N GLN A 335 -1.42 2.26 21.64
CA GLN A 335 -2.12 2.90 22.75
C GLN A 335 -1.46 4.20 23.18
N ASN A 336 -2.19 5.02 23.93
CA ASN A 336 -1.65 6.21 24.56
C ASN A 336 -0.91 7.11 23.58
N LYS A 337 -1.64 7.49 22.54
CA LYS A 337 -1.08 8.33 21.50
C LYS A 337 -1.97 9.54 21.23
N ILE A 338 -1.34 10.66 20.92
CA ILE A 338 -2.11 11.82 20.48
C ILE A 338 -2.10 11.86 18.96
N GLY A 339 -3.28 12.01 18.37
CA GLY A 339 -3.43 12.07 16.94
C GLY A 339 -3.44 13.50 16.40
N GLY A 340 -3.25 13.60 15.10
CA GLY A 340 -3.20 14.81 14.31
C GLY A 340 -3.46 14.48 12.86
N ALA A 341 -3.99 15.44 12.10
CA ALA A 341 -4.26 15.21 10.69
C ALA A 341 -4.14 16.51 9.89
N PHE A 342 -3.81 16.37 8.60
CA PHE A 342 -3.66 17.56 7.77
C PHE A 342 -3.68 17.15 6.31
N GLY A 343 -3.80 18.13 5.42
CA GLY A 343 -3.82 17.76 4.01
C GLY A 343 -4.26 18.91 3.13
N SER A 344 -4.06 18.71 1.83
CA SER A 344 -4.46 19.65 0.80
C SER A 344 -5.57 19.00 -0.02
N PHE A 345 -6.46 19.79 -0.58
CA PHE A 345 -7.62 19.30 -1.31
C PHE A 345 -7.92 20.29 -2.42
N GLY A 346 -8.71 19.89 -3.40
CA GLY A 346 -9.01 20.75 -4.54
C GLY A 346 -10.46 21.21 -4.58
N TRP A 347 -11.36 20.39 -4.03
CA TRP A 347 -12.78 20.78 -4.02
C TRP A 347 -13.54 20.03 -2.94
N SER A 348 -13.60 18.71 -3.01
CA SER A 348 -14.40 17.95 -2.05
C SER A 348 -13.78 18.00 -0.66
N GLY A 349 -12.46 17.81 -0.54
CA GLY A 349 -11.78 18.01 0.72
C GLY A 349 -12.02 16.98 1.79
N GLU A 350 -12.36 15.72 1.45
CA GLU A 350 -12.63 14.72 2.48
C GLU A 350 -11.42 14.25 3.27
N SER A 351 -10.19 14.39 2.82
CA SER A 351 -9.06 13.68 3.42
C SER A 351 -8.92 13.93 4.91
N THR A 352 -8.98 15.18 5.34
CA THR A 352 -8.71 15.39 6.77
C THR A 352 -9.87 14.87 7.60
N LYS A 353 -11.07 14.98 7.03
CA LYS A 353 -12.24 14.38 7.65
C LYS A 353 -11.99 12.90 7.90
N VAL A 354 -11.58 12.22 6.83
CA VAL A 354 -11.31 10.80 6.87
C VAL A 354 -10.15 10.44 7.81
N LEU A 355 -9.06 11.20 7.71
CA LEU A 355 -7.94 10.89 8.59
C LEU A 355 -8.37 10.98 10.05
N ALA A 356 -9.14 12.01 10.36
CA ALA A 356 -9.67 12.21 11.70
C ALA A 356 -10.49 11.01 12.14
N GLU A 357 -11.36 10.51 11.29
CA GLU A 357 -12.16 9.34 11.67
C GLU A 357 -11.27 8.14 11.99
N TRP A 358 -10.17 8.04 11.25
CA TRP A 358 -9.23 6.94 11.46
C TRP A 358 -8.56 7.07 12.83
N LEU A 359 -8.01 8.27 13.09
CA LEU A 359 -7.29 8.46 14.34
C LEU A 359 -8.22 8.26 15.53
N THR A 360 -9.33 8.96 15.52
CA THR A 360 -10.36 8.83 16.56
C THR A 360 -10.78 7.37 16.71
N GLY A 361 -10.97 6.66 15.61
CA GLY A 361 -11.37 5.27 15.73
C GLY A 361 -10.32 4.40 16.37
N MET A 362 -9.08 4.88 16.43
CA MET A 362 -8.01 4.08 17.02
C MET A 362 -7.84 4.45 18.49
N GLY A 363 -8.70 5.38 18.91
CA GLY A 363 -8.72 5.85 20.27
C GLY A 363 -7.68 6.91 20.55
N PHE A 364 -7.21 7.53 19.47
CA PHE A 364 -6.19 8.57 19.60
C PHE A 364 -6.81 9.86 20.13
N ASP A 365 -6.04 10.64 20.89
CA ASP A 365 -6.50 11.94 21.34
C ASP A 365 -6.22 13.01 20.29
N MET A 366 -7.24 13.76 19.91
CA MET A 366 -7.21 14.80 18.90
C MET A 366 -7.45 16.19 19.49
N PRO A 367 -6.47 16.70 20.22
CA PRO A 367 -6.66 18.01 20.85
C PRO A 367 -6.81 19.12 19.82
N ALA A 368 -6.18 18.94 18.65
CA ALA A 368 -6.26 20.00 17.65
C ALA A 368 -7.06 19.55 16.44
N THR A 369 -7.75 20.53 15.88
CA THR A 369 -8.55 20.39 14.67
C THR A 369 -7.63 20.18 13.47
N PRO A 370 -7.95 19.26 12.58
CA PRO A 370 -7.13 19.06 11.38
C PRO A 370 -7.03 20.34 10.56
N VAL A 371 -5.82 20.58 10.08
CA VAL A 371 -5.54 21.67 9.16
C VAL A 371 -5.70 21.17 7.73
N LYS A 372 -6.62 21.79 6.99
CA LYS A 372 -6.78 21.51 5.58
C LYS A 372 -6.58 22.79 4.77
N VAL A 373 -5.98 22.65 3.60
CA VAL A 373 -5.65 23.78 2.74
C VAL A 373 -6.09 23.53 1.30
N LYS A 374 -6.71 24.53 0.68
CA LYS A 374 -7.04 24.39 -0.74
C LYS A 374 -5.76 24.51 -1.55
N ASN A 375 -5.39 23.43 -2.21
CA ASN A 375 -4.18 23.47 -3.03
C ASN A 375 -2.95 23.95 -2.28
N VAL A 376 -2.28 24.96 -2.83
CA VAL A 376 -0.96 25.36 -2.37
C VAL A 376 -1.03 26.32 -1.20
N PRO A 377 -0.44 25.87 -0.10
CA PRO A 377 -0.54 26.58 1.16
C PRO A 377 0.18 27.93 1.11
N THR A 378 -0.22 28.82 2.00
CA THR A 378 0.31 30.15 2.21
C THR A 378 0.90 30.29 3.61
N HIS A 379 1.56 31.43 3.85
CA HIS A 379 2.10 31.71 5.19
C HIS A 379 1.02 31.52 6.24
N ALA A 380 -0.18 32.01 5.89
CA ALA A 380 -1.29 31.87 6.84
C ALA A 380 -1.51 30.40 7.17
N ASP A 381 -1.56 29.57 6.12
CA ASP A 381 -1.73 28.13 6.37
C ASP A 381 -0.58 27.63 7.24
N TYR A 382 0.61 28.16 6.94
CA TYR A 382 1.77 27.80 7.76
C TYR A 382 1.52 28.16 9.21
N GLU A 383 0.90 29.32 9.43
CA GLU A 383 0.59 29.78 10.77
C GLU A 383 -0.34 28.78 11.44
N GLN A 384 -1.35 28.35 10.67
CA GLN A 384 -2.28 27.35 11.22
C GLN A 384 -1.54 26.10 11.67
N LEU A 385 -0.60 25.63 10.84
CA LEU A 385 0.05 24.37 11.21
C LEU A 385 0.90 24.51 12.46
N LYS A 386 1.70 25.57 12.55
CA LYS A 386 2.52 25.83 13.74
C LYS A 386 1.65 25.84 14.99
N THR A 387 0.50 26.48 14.84
CA THR A 387 -0.51 26.47 15.88
C THR A 387 -0.94 25.05 16.19
N MET A 388 -1.24 24.28 15.13
CA MET A 388 -1.61 22.89 15.32
C MET A 388 -0.54 22.12 16.07
N ALA A 389 0.71 22.25 15.61
CA ALA A 389 1.87 21.65 16.24
C ALA A 389 2.00 22.06 17.70
N GLN A 390 1.66 23.32 18.00
CA GLN A 390 1.76 23.80 19.36
C GLN A 390 0.68 23.20 20.25
N THR A 391 -0.55 23.11 19.74
CA THR A 391 -1.60 22.46 20.51
C THR A 391 -1.24 21.03 20.88
N ILE A 392 -0.93 20.23 19.86
CA ILE A 392 -0.59 18.83 20.11
C ILE A 392 0.60 18.71 21.04
N ALA A 393 1.69 19.45 20.77
CA ALA A 393 2.84 19.35 21.67
C ALA A 393 2.48 19.73 23.09
N ARG A 394 1.60 20.73 23.24
CA ARG A 394 1.23 21.15 24.59
C ARG A 394 0.62 19.95 25.31
N ALA A 395 -0.31 19.34 24.59
CA ALA A 395 -1.00 18.16 25.13
C ALA A 395 -0.01 17.05 25.44
N LEU A 396 0.97 16.87 24.57
CA LEU A 396 2.00 15.85 24.79
C LEU A 396 2.69 16.09 26.13
N LYS A 397 3.26 17.28 26.29
CA LYS A 397 3.99 17.67 27.49
C LYS A 397 3.22 17.31 28.76
N ALA A 398 1.96 17.76 28.83
CA ALA A 398 1.08 17.47 29.93
C ALA A 398 1.12 16.00 30.34
N LYS A 399 0.85 15.14 29.35
CA LYS A 399 0.88 13.70 29.51
C LYS A 399 2.17 13.20 30.11
N LEU A 400 3.28 13.83 29.72
CA LEU A 400 4.60 13.32 30.07
C LEU A 400 4.94 13.64 31.52
N ALA A 401 4.12 14.46 32.16
CA ALA A 401 4.27 14.71 33.59
C ALA A 401 3.14 14.00 34.35
N ALA A 402 3.19 12.67 34.31
CA ALA A 402 2.20 11.82 34.95
C ALA A 402 0.84 11.96 34.28
N GLN B 2 13.54 22.00 -32.04
CA GLN B 2 12.91 21.13 -31.05
C GLN B 2 11.38 21.12 -31.20
N ALA B 3 10.83 22.23 -31.66
CA ALA B 3 9.38 22.27 -31.85
C ALA B 3 8.98 21.38 -33.03
N THR B 4 7.76 20.84 -32.97
CA THR B 4 7.23 19.96 -33.99
C THR B 4 6.00 20.56 -34.67
N LYS B 5 6.10 20.69 -35.98
CA LYS B 5 5.04 21.26 -36.80
C LYS B 5 3.86 20.30 -36.82
N ILE B 6 2.70 20.85 -36.49
CA ILE B 6 1.52 19.97 -36.64
C ILE B 6 0.97 20.26 -38.03
N ILE B 7 0.54 21.48 -38.24
CA ILE B 7 0.13 22.10 -39.48
C ILE B 7 0.71 23.52 -39.54
N ASP B 8 0.45 24.27 -40.59
CA ASP B 8 0.96 25.64 -40.68
C ASP B 8 0.49 26.48 -39.48
N GLY B 9 1.48 27.02 -38.76
CA GLY B 9 1.18 27.88 -37.63
C GLY B 9 0.86 27.18 -36.33
N PHE B 10 0.87 25.85 -36.29
CA PHE B 10 0.62 25.10 -35.06
C PHE B 10 1.84 24.26 -34.70
N HIS B 11 2.46 24.55 -33.56
CA HIS B 11 3.56 23.67 -33.18
C HIS B 11 3.35 23.03 -31.80
N LEU B 12 3.80 21.80 -31.71
CA LEU B 12 3.92 21.08 -30.45
C LEU B 12 5.25 21.44 -29.80
N VAL B 13 5.23 22.15 -28.67
CA VAL B 13 6.50 22.30 -27.94
C VAL B 13 6.34 21.72 -26.54
N GLY B 14 7.45 21.48 -25.85
CA GLY B 14 7.43 21.02 -24.47
C GLY B 14 8.53 20.03 -24.18
N ALA B 15 8.21 18.98 -23.41
CA ALA B 15 9.25 18.07 -22.98
C ALA B 15 8.79 16.62 -22.91
N ILE B 16 9.72 15.77 -23.32
CA ILE B 16 9.64 14.33 -23.24
C ILE B 16 10.28 13.87 -21.93
N ASP B 17 9.50 13.17 -21.13
CA ASP B 17 9.98 12.70 -19.84
C ASP B 17 10.08 11.18 -19.86
N TRP B 18 11.15 10.68 -20.47
CA TRP B 18 11.37 9.25 -20.63
C TRP B 18 11.38 8.49 -19.30
N ASN B 19 11.87 9.14 -18.26
CA ASN B 19 12.15 8.49 -16.99
C ASN B 19 10.98 8.42 -16.02
N SER B 20 9.90 9.15 -16.27
CA SER B 20 8.77 9.14 -15.36
C SER B 20 8.29 7.73 -15.07
N ARG B 21 8.26 7.35 -13.80
CA ARG B 21 7.65 6.04 -13.50
C ARG B 21 6.48 6.28 -12.54
N ASP B 22 6.82 6.91 -11.42
CA ASP B 22 5.83 7.43 -10.48
C ASP B 22 5.14 8.62 -11.15
N PHE B 23 3.96 8.41 -11.73
CA PHE B 23 3.23 9.49 -12.40
C PHE B 23 2.36 10.26 -11.40
N HIS B 24 2.85 11.43 -11.02
CA HIS B 24 2.16 12.36 -10.15
C HIS B 24 1.65 11.75 -8.85
N GLY B 25 2.38 10.76 -8.34
CA GLY B 25 2.14 10.15 -7.07
C GLY B 25 0.94 9.24 -6.98
N TYR B 26 0.16 9.06 -8.05
CA TYR B 26 -1.03 8.21 -7.85
C TYR B 26 -0.97 6.95 -8.71
N THR B 27 -0.37 7.04 -9.89
CA THR B 27 -0.34 5.85 -10.75
C THR B 27 1.04 5.61 -11.32
N LEU B 28 1.17 4.62 -12.20
CA LEU B 28 2.42 4.38 -12.89
C LEU B 28 2.36 4.72 -14.38
N SER B 29 3.51 5.11 -14.90
CA SER B 29 3.73 5.37 -16.32
C SER B 29 4.98 4.62 -16.77
N PRO B 30 4.82 3.32 -16.99
CA PRO B 30 5.95 2.46 -17.35
C PRO B 30 6.64 2.94 -18.63
N MET B 31 5.93 3.65 -19.50
CA MET B 31 6.52 4.14 -20.75
C MET B 31 6.89 5.60 -20.65
N GLY B 32 7.07 6.11 -19.43
CA GLY B 32 7.38 7.54 -19.36
C GLY B 32 6.15 8.33 -19.76
N THR B 33 6.35 9.61 -19.98
CA THR B 33 5.26 10.50 -20.38
C THR B 33 5.82 11.68 -21.15
N THR B 34 5.01 12.67 -21.50
CA THR B 34 5.51 13.88 -22.14
C THR B 34 4.72 15.07 -21.57
N TYR B 35 5.25 16.26 -21.77
CA TYR B 35 4.45 17.43 -21.39
C TYR B 35 4.31 18.29 -22.64
N ASN B 36 3.09 18.31 -23.17
CA ASN B 36 2.70 18.88 -24.44
C ASN B 36 2.07 20.27 -24.30
N ALA B 37 2.62 21.22 -25.02
CA ALA B 37 2.14 22.59 -25.05
C ALA B 37 1.99 23.02 -26.49
N TYR B 38 1.09 23.98 -26.79
CA TYR B 38 0.83 24.25 -28.21
C TYR B 38 0.92 25.74 -28.50
N LEU B 39 1.83 26.04 -29.42
CA LEU B 39 2.14 27.38 -29.90
C LEU B 39 1.37 27.66 -31.18
N VAL B 40 0.51 28.67 -31.13
CA VAL B 40 -0.25 29.02 -32.34
C VAL B 40 0.11 30.41 -32.86
N GLU B 41 0.75 30.45 -34.03
CA GLU B 41 1.12 31.68 -34.70
C GLU B 41 -0.06 32.42 -35.32
N ASP B 42 -0.37 33.61 -34.86
CA ASP B 42 -1.34 34.47 -35.55
C ASP B 42 -1.06 35.93 -35.22
N GLU B 43 -2.00 36.82 -35.50
CA GLU B 43 -1.90 38.22 -35.09
C GLU B 43 -1.52 38.26 -33.61
N LYS B 44 -2.40 37.65 -32.84
CA LYS B 44 -2.15 37.38 -31.43
C LYS B 44 -1.47 36.02 -31.33
N THR B 45 -0.16 36.00 -31.06
CA THR B 45 0.50 34.69 -30.95
C THR B 45 0.15 34.03 -29.61
N THR B 46 -0.36 32.80 -29.71
CA THR B 46 -0.88 32.14 -28.52
C THR B 46 -0.21 30.82 -28.20
N LEU B 47 0.06 30.67 -26.91
CA LEU B 47 0.59 29.46 -26.29
C LEU B 47 -0.52 28.76 -25.51
N PHE B 48 -0.78 27.51 -25.85
CA PHE B 48 -1.81 26.71 -25.19
CA PHE B 48 -1.90 26.85 -25.12
C PHE B 48 -1.16 25.67 -24.27
C PHE B 48 -1.42 26.16 -23.87
N ASP B 49 -1.53 25.72 -22.99
N ASP B 49 -0.91 24.94 -23.80
CA ASP B 49 -1.01 24.82 -21.98
CA ASP B 49 -0.60 24.39 -22.47
C ASP B 49 0.39 25.30 -21.57
C ASP B 49 0.74 24.83 -21.90
N THR B 50 0.98 24.64 -20.60
CA THR B 50 2.33 24.92 -20.06
C THR B 50 2.97 23.60 -19.69
N VAL B 51 4.15 23.47 -19.11
CA VAL B 51 4.65 22.18 -18.66
C VAL B 51 4.97 22.17 -17.18
N LYS B 52 5.40 21.01 -16.69
CA LYS B 52 5.99 20.88 -15.37
C LYS B 52 7.03 21.97 -15.16
N ALA B 53 7.05 22.60 -14.00
CA ALA B 53 8.02 23.63 -13.67
C ALA B 53 9.43 23.30 -14.14
N GLU B 54 9.83 22.04 -13.95
CA GLU B 54 11.23 21.66 -14.12
C GLU B 54 11.61 21.61 -15.61
N TYR B 55 10.60 21.76 -16.45
CA TYR B 55 10.85 21.71 -17.89
C TYR B 55 10.60 23.07 -18.54
N LYS B 56 10.65 24.12 -17.73
CA LYS B 56 10.42 25.45 -18.31
C LYS B 56 11.43 25.71 -19.43
N GLY B 57 12.68 25.31 -19.20
CA GLY B 57 13.71 25.48 -20.21
C GLY B 57 13.41 24.83 -21.54
N GLU B 58 13.05 23.54 -21.53
CA GLU B 58 12.77 22.91 -22.83
C GLU B 58 11.60 23.60 -23.50
N LEU B 59 10.62 24.02 -22.69
CA LEU B 59 9.45 24.66 -23.31
C LEU B 59 9.87 25.97 -23.97
N LEU B 60 10.62 26.81 -23.25
CA LEU B 60 11.04 28.05 -23.89
C LEU B 60 12.02 27.78 -25.02
N CYS B 61 12.84 26.73 -24.89
CA CYS B 61 13.74 26.43 -26.02
C CYS B 61 12.90 26.11 -27.25
N GLY B 62 11.91 25.24 -27.05
CA GLY B 62 11.05 24.86 -28.17
C GLY B 62 10.38 26.09 -28.75
N ILE B 63 9.76 26.91 -27.89
CA ILE B 63 9.07 28.08 -28.38
C ILE B 63 9.99 28.95 -29.23
N ALA B 64 11.14 29.27 -28.67
CA ALA B 64 12.16 30.10 -29.27
C ALA B 64 12.60 29.61 -30.64
N SER B 65 12.42 28.32 -30.93
CA SER B 65 12.85 27.77 -32.20
C SER B 65 11.90 28.19 -33.33
N VAL B 66 10.76 28.70 -32.90
CA VAL B 66 9.71 29.14 -33.79
C VAL B 66 9.52 30.66 -33.72
N ILE B 67 9.67 31.19 -32.51
CA ILE B 67 9.42 32.60 -32.28
C ILE B 67 10.04 33.08 -30.97
N ASP B 68 10.51 34.33 -31.00
CA ASP B 68 11.04 34.90 -29.77
C ASP B 68 9.92 34.97 -28.74
N PRO B 69 10.11 34.28 -27.62
CA PRO B 69 9.13 34.24 -26.52
C PRO B 69 8.52 35.60 -26.20
N LYS B 70 9.23 36.71 -26.40
CA LYS B 70 8.65 38.02 -26.18
C LYS B 70 7.50 38.29 -27.13
N LYS B 71 7.32 37.49 -28.19
CA LYS B 71 6.28 37.89 -29.15
C LYS B 71 4.96 37.20 -28.88
N ILE B 72 4.92 36.29 -27.91
CA ILE B 72 3.65 35.65 -27.57
C ILE B 72 2.77 36.63 -26.82
N ASP B 73 1.48 36.73 -27.15
CA ASP B 73 0.64 37.71 -26.48
C ASP B 73 -0.36 37.03 -25.55
N TYR B 74 -0.76 35.83 -25.98
CA TYR B 74 -1.79 35.12 -25.27
C TYR B 74 -1.28 33.82 -24.66
N LEU B 75 -1.64 33.67 -23.39
CA LEU B 75 -1.43 32.43 -22.66
C LEU B 75 -2.79 31.78 -22.44
N VAL B 76 -2.95 30.54 -22.88
CA VAL B 76 -4.21 29.87 -22.58
C VAL B 76 -4.00 28.72 -21.61
N ILE B 77 -4.48 28.84 -20.38
CA ILE B 77 -4.31 27.80 -19.35
C ILE B 77 -5.55 26.95 -19.18
N GLN B 78 -5.57 25.71 -19.65
CA GLN B 78 -6.80 24.91 -19.70
C GLN B 78 -7.00 24.03 -18.49
N HIS B 79 -5.98 23.92 -17.64
CA HIS B 79 -6.05 22.97 -16.51
C HIS B 79 -4.99 23.45 -15.53
N LEU B 80 -5.30 23.50 -14.24
CA LEU B 80 -4.39 24.22 -13.34
C LEU B 80 -3.48 23.27 -12.59
N GLU B 81 -3.59 21.98 -12.90
CA GLU B 81 -2.67 21.01 -12.33
C GLU B 81 -1.25 21.45 -12.69
N LEU B 82 -0.32 21.30 -11.76
CA LEU B 82 1.01 21.89 -11.97
C LEU B 82 1.79 21.20 -13.07
N ASP B 83 1.44 19.99 -13.51
CA ASP B 83 2.18 19.47 -14.66
C ASP B 83 1.79 20.25 -15.93
N HIS B 84 0.67 20.94 -15.84
CA HIS B 84 0.16 21.67 -17.01
C HIS B 84 0.50 23.15 -16.84
N ALA B 85 0.45 23.60 -15.59
CA ALA B 85 0.58 25.00 -15.25
C ALA B 85 1.85 25.31 -14.48
N GLY B 86 2.74 24.32 -14.36
CA GLY B 86 3.92 24.51 -13.55
C GLY B 86 4.81 25.67 -13.98
N ALA B 87 4.86 25.92 -15.29
CA ALA B 87 5.80 26.86 -15.85
C ALA B 87 5.17 28.24 -16.05
N LEU B 88 3.89 28.35 -15.72
CA LEU B 88 3.17 29.60 -15.94
C LEU B 88 3.91 30.82 -15.39
N PRO B 89 4.35 30.80 -14.14
CA PRO B 89 5.13 31.95 -13.65
C PRO B 89 6.34 32.23 -14.53
N ALA B 90 7.09 31.18 -14.91
CA ALA B 90 8.24 31.47 -15.77
C ALA B 90 7.78 32.08 -17.09
N LEU B 91 6.73 31.53 -17.70
CA LEU B 91 6.35 32.04 -19.01
C LEU B 91 5.85 33.48 -18.94
N ILE B 92 5.14 33.80 -17.87
CA ILE B 92 4.68 35.18 -17.72
C ILE B 92 5.86 36.14 -17.73
N GLU B 93 6.90 35.76 -17.02
CA GLU B 93 8.09 36.59 -16.91
C GLU B 93 8.77 36.73 -18.26
N ALA B 94 8.92 35.61 -18.96
CA ALA B 94 9.63 35.60 -20.22
C ALA B 94 8.78 36.14 -21.37
N CYS B 95 7.46 36.00 -21.26
CA CYS B 95 6.62 36.39 -22.40
C CYS B 95 5.94 37.72 -22.12
N GLN B 96 5.72 37.98 -20.83
CA GLN B 96 4.99 39.19 -20.44
C GLN B 96 3.68 39.22 -21.21
N PRO B 97 2.87 38.18 -21.09
CA PRO B 97 1.68 38.05 -21.96
C PRO B 97 0.74 39.23 -21.75
N GLU B 98 -0.09 39.47 -22.75
CA GLU B 98 -1.07 40.55 -22.61
C GLU B 98 -2.28 39.99 -21.88
N LYS B 99 -2.65 38.77 -22.29
CA LYS B 99 -3.81 38.16 -21.63
C LYS B 99 -3.59 36.68 -21.37
N ILE B 100 -3.88 36.28 -20.13
CA ILE B 100 -3.89 34.90 -19.69
C ILE B 100 -5.34 34.41 -19.64
N PHE B 101 -5.67 33.47 -20.52
CA PHE B 101 -7.04 32.99 -20.60
C PHE B 101 -7.23 31.69 -19.83
N THR B 102 -8.28 31.67 -19.01
CA THR B 102 -8.60 30.44 -18.29
C THR B 102 -10.09 30.36 -18.00
N SER B 103 -10.58 29.13 -17.80
CA SER B 103 -12.00 28.98 -17.48
C SER B 103 -12.34 29.69 -16.19
N SER B 104 -13.62 29.74 -15.83
CA SER B 104 -13.96 30.46 -14.60
C SER B 104 -13.45 29.69 -13.39
N LEU B 105 -13.60 28.37 -13.47
CA LEU B 105 -13.09 27.50 -12.41
C LEU B 105 -11.56 27.48 -12.45
N GLY B 106 -11.00 27.56 -13.65
CA GLY B 106 -9.56 27.69 -13.77
C GLY B 106 -9.01 28.90 -13.05
N GLN B 107 -9.77 30.01 -13.00
CA GLN B 107 -9.12 31.20 -12.43
C GLN B 107 -9.07 31.05 -10.93
N LYS B 108 -10.10 30.42 -10.40
CA LYS B 108 -10.12 30.13 -8.96
C LYS B 108 -8.93 29.26 -8.58
N ALA B 109 -8.66 28.21 -9.35
CA ALA B 109 -7.59 27.27 -9.06
C ALA B 109 -6.21 27.92 -9.26
N MET B 110 -6.14 28.80 -10.26
CA MET B 110 -4.91 29.56 -10.46
C MET B 110 -4.58 30.36 -9.21
N GLU B 111 -5.63 30.91 -8.59
CA GLU B 111 -5.49 31.70 -7.38
C GLU B 111 -5.00 30.87 -6.20
N SER B 112 -5.57 29.68 -6.06
CA SER B 112 -5.23 28.83 -4.91
C SER B 112 -3.91 28.10 -5.13
N HIS B 113 -3.47 28.02 -6.38
CA HIS B 113 -2.17 27.43 -6.67
C HIS B 113 -1.06 28.47 -6.68
N PHE B 114 -1.34 29.64 -7.25
CA PHE B 114 -0.27 30.62 -7.43
C PHE B 114 -0.47 31.85 -6.55
N HIS B 115 -1.68 32.08 -6.08
CA HIS B 115 -1.96 33.23 -5.23
C HIS B 115 -1.40 34.51 -5.80
N TYR B 116 -1.55 34.69 -7.11
CA TYR B 116 -0.89 35.72 -7.89
C TYR B 116 -1.34 37.14 -7.58
N LYS B 117 -0.38 38.06 -7.69
CA LYS B 117 -0.67 39.46 -7.37
C LYS B 117 -1.33 40.19 -8.51
N ASP B 118 -0.65 40.39 -9.64
CA ASP B 118 -1.28 41.20 -10.69
C ASP B 118 -1.10 40.60 -12.07
N TRP B 119 -1.89 39.58 -12.39
CA TRP B 119 -1.77 38.90 -13.69
C TRP B 119 -2.95 39.28 -14.58
N PRO B 120 -2.73 39.50 -15.86
CA PRO B 120 -3.85 39.88 -16.73
C PRO B 120 -4.69 38.65 -17.04
N VAL B 121 -5.36 38.17 -15.99
CA VAL B 121 -6.17 36.97 -16.18
C VAL B 121 -7.54 37.34 -16.71
N GLN B 122 -8.01 36.53 -17.65
CA GLN B 122 -9.34 36.71 -18.19
C GLN B 122 -10.03 35.35 -18.28
N VAL B 123 -11.22 35.29 -17.72
CA VAL B 123 -12.05 34.10 -17.74
C VAL B 123 -12.90 34.02 -19.00
N VAL B 124 -12.81 32.90 -19.70
CA VAL B 124 -13.68 32.68 -20.85
C VAL B 124 -14.80 31.74 -20.43
N LYS B 125 -15.88 31.69 -21.20
CA LYS B 125 -16.99 30.83 -20.81
C LYS B 125 -17.27 29.78 -21.88
N HIS B 126 -18.14 28.84 -21.51
CA HIS B 126 -18.44 27.75 -22.45
C HIS B 126 -18.95 28.27 -23.79
N GLY B 127 -18.36 27.73 -24.85
CA GLY B 127 -18.71 28.08 -26.21
C GLY B 127 -18.23 29.46 -26.60
N GLU B 128 -17.67 30.23 -25.68
CA GLU B 128 -17.18 31.56 -26.05
C GLU B 128 -16.15 31.44 -27.17
N THR B 129 -16.03 32.48 -27.98
CA THR B 129 -15.04 32.46 -29.05
C THR B 129 -13.99 33.55 -28.87
N LEU B 130 -12.89 33.36 -29.58
CA LEU B 130 -11.76 34.27 -29.45
C LEU B 130 -11.05 34.44 -30.80
N SER B 131 -10.93 35.70 -31.19
CA SER B 131 -10.16 36.08 -32.36
C SER B 131 -8.68 36.16 -31.99
N LEU B 132 -7.87 35.43 -32.74
CA LEU B 132 -6.42 35.52 -32.59
C LEU B 132 -5.82 36.31 -33.74
N GLY B 133 -6.69 36.74 -34.65
CA GLY B 133 -6.32 37.41 -35.88
C GLY B 133 -6.96 36.70 -37.06
N LYS B 134 -6.15 35.97 -37.84
CA LYS B 134 -6.72 35.20 -38.94
C LYS B 134 -7.53 34.02 -38.40
N ARG B 135 -7.08 33.43 -37.30
CA ARG B 135 -7.76 32.26 -36.77
C ARG B 135 -8.63 32.62 -35.57
N THR B 136 -9.61 31.77 -35.31
CA THR B 136 -10.43 31.99 -34.10
C THR B 136 -10.59 30.69 -33.33
N VAL B 137 -10.28 30.77 -32.04
CA VAL B 137 -10.42 29.63 -31.16
C VAL B 137 -11.81 29.61 -30.52
N THR B 138 -12.34 28.42 -30.25
CA THR B 138 -13.60 28.30 -29.51
C THR B 138 -13.38 27.53 -28.22
N PHE B 139 -13.89 28.03 -27.10
CA PHE B 139 -13.69 27.36 -25.82
C PHE B 139 -14.87 26.54 -25.35
N TYR B 140 -14.61 25.28 -24.98
CA TYR B 140 -15.68 24.49 -24.36
C TYR B 140 -15.24 24.04 -22.97
N GLU B 141 -16.20 24.06 -22.03
CA GLU B 141 -15.88 23.63 -20.68
C GLU B 141 -16.01 22.12 -20.53
N THR B 142 -15.09 21.52 -19.77
CA THR B 142 -15.19 20.08 -19.52
C THR B 142 -14.88 19.80 -18.05
N ARG B 143 -15.70 20.41 -17.21
CA ARG B 143 -15.59 20.32 -15.76
C ARG B 143 -15.44 18.87 -15.31
N MET B 144 -14.55 18.66 -14.36
CA MET B 144 -14.37 17.31 -13.83
C MET B 144 -13.82 16.37 -14.90
N LEU B 145 -13.21 16.91 -15.95
CA LEU B 145 -12.46 16.03 -16.86
C LEU B 145 -11.00 16.48 -16.95
N HIS B 146 -10.21 16.22 -15.93
CA HIS B 146 -10.58 15.48 -14.73
C HIS B 146 -10.60 16.41 -13.53
N TRP B 147 -10.49 17.71 -13.78
CA TRP B 147 -10.62 18.67 -12.69
C TRP B 147 -11.74 19.65 -12.99
N PRO B 148 -12.23 20.35 -11.97
CA PRO B 148 -13.25 21.37 -12.22
C PRO B 148 -12.80 22.43 -13.23
N ASP B 149 -11.52 22.80 -13.28
CA ASP B 149 -11.08 23.89 -14.15
C ASP B 149 -11.02 23.48 -15.62
N SER B 150 -11.05 22.17 -15.84
CA SER B 150 -10.87 21.61 -17.17
C SER B 150 -11.73 22.26 -18.24
N MET B 151 -11.05 22.66 -19.30
CA MET B 151 -11.72 23.14 -20.51
C MET B 151 -10.87 22.83 -21.74
N VAL B 152 -11.52 22.68 -22.89
CA VAL B 152 -10.81 22.37 -24.12
C VAL B 152 -10.95 23.52 -25.13
N SER B 153 -10.07 23.50 -26.13
CA SER B 153 -9.98 24.53 -27.15
C SER B 153 -10.19 23.94 -28.54
N TRP B 154 -11.03 24.64 -29.27
CA TRP B 154 -11.48 24.19 -30.58
C TRP B 154 -11.23 25.23 -31.66
N PHE B 155 -10.58 24.78 -32.71
CA PHE B 155 -10.32 25.47 -33.94
C PHE B 155 -11.19 24.83 -35.04
N ALA B 156 -12.38 25.40 -35.23
CA ALA B 156 -13.37 24.89 -36.17
C ALA B 156 -12.83 24.78 -37.58
N ASP B 157 -12.11 25.82 -38.03
CA ASP B 157 -11.61 25.75 -39.40
C ASP B 157 -10.55 24.67 -39.56
N GLU B 158 -9.48 24.74 -38.78
CA GLU B 158 -8.38 23.80 -38.86
C GLU B 158 -8.73 22.42 -38.30
N LYS B 159 -9.83 22.31 -37.57
CA LYS B 159 -10.26 21.03 -37.02
C LYS B 159 -9.19 20.46 -36.10
N VAL B 160 -8.73 21.33 -35.22
CA VAL B 160 -7.72 21.07 -34.22
C VAL B 160 -8.33 21.20 -32.83
N LEU B 161 -8.38 20.12 -32.07
CA LEU B 161 -8.84 20.15 -30.69
C LEU B 161 -7.67 19.98 -29.73
N ILE B 162 -7.52 20.93 -28.82
CA ILE B 162 -6.48 20.88 -27.79
C ILE B 162 -7.13 20.54 -26.46
N SER B 163 -7.05 19.30 -26.01
CA SER B 163 -7.88 18.66 -25.01
C SER B 163 -7.34 18.53 -23.60
N ASN B 164 -6.26 19.22 -23.24
CA ASN B 164 -5.59 19.06 -21.95
C ASN B 164 -5.41 17.59 -21.60
N ASP B 165 -5.71 17.13 -20.39
CA ASP B 165 -5.43 15.72 -20.12
C ASP B 165 -6.30 14.80 -20.95
N ILE B 166 -7.43 15.31 -21.44
CA ILE B 166 -8.39 14.42 -22.12
C ILE B 166 -7.76 13.80 -23.36
N PHE B 167 -7.90 12.48 -23.50
CA PHE B 167 -7.32 11.71 -24.58
C PHE B 167 -5.83 11.49 -24.39
N GLY B 168 -5.34 11.95 -23.24
CA GLY B 168 -3.92 11.79 -22.94
C GLY B 168 -3.51 10.34 -22.86
N GLN B 169 -2.23 10.09 -23.04
CA GLN B 169 -1.73 8.73 -22.81
C GLN B 169 -0.28 8.90 -22.33
N ASN B 170 0.16 8.06 -21.39
CA ASN B 170 1.53 8.21 -20.92
C ASN B 170 2.50 7.46 -21.82
N ILE B 171 2.96 8.12 -22.88
CA ILE B 171 3.93 7.51 -23.78
C ILE B 171 5.09 8.46 -24.04
N ALA B 172 6.30 8.08 -23.65
CA ALA B 172 7.50 8.84 -24.00
C ALA B 172 8.16 8.15 -25.18
N ALA B 173 8.38 8.88 -26.27
CA ALA B 173 8.95 8.23 -27.46
C ALA B 173 9.41 9.25 -28.50
N SER B 174 10.19 8.78 -29.48
CA SER B 174 10.62 9.78 -30.48
C SER B 174 9.42 10.19 -31.33
N GLU B 175 8.47 9.29 -31.49
CA GLU B 175 7.27 9.44 -32.31
C GLU B 175 6.24 10.32 -31.60
N ARG B 176 5.74 11.38 -32.23
CA ARG B 176 4.82 12.27 -31.50
C ARG B 176 3.41 12.18 -32.03
N PHE B 177 3.19 11.33 -33.04
CA PHE B 177 1.83 11.22 -33.59
C PHE B 177 1.27 9.82 -33.46
N SER B 178 -0.02 9.73 -33.24
CA SER B 178 -0.72 8.48 -33.04
C SER B 178 -0.49 7.48 -34.18
N ASP B 179 -0.39 7.96 -35.43
CA ASP B 179 -0.22 7.03 -36.54
C ASP B 179 1.21 6.52 -36.65
N GLN B 180 2.16 7.00 -35.85
CA GLN B 180 3.52 6.46 -35.93
C GLN B 180 3.76 5.35 -34.91
N ILE B 181 2.73 5.07 -34.14
CA ILE B 181 2.71 4.16 -33.01
C ILE B 181 1.73 3.02 -33.26
N PRO B 182 2.11 1.80 -32.93
CA PRO B 182 1.21 0.66 -33.13
C PRO B 182 -0.05 0.81 -32.28
N VAL B 183 -1.19 0.53 -32.90
CA VAL B 183 -2.47 0.69 -32.25
C VAL B 183 -2.53 0.01 -30.89
N HIS B 184 -2.05 -1.23 -30.82
CA HIS B 184 -2.18 -1.96 -29.56
C HIS B 184 -1.45 -1.18 -28.45
N THR B 185 -0.31 -0.60 -28.78
CA THR B 185 0.40 0.17 -27.76
C THR B 185 -0.39 1.40 -27.35
N LEU B 186 -0.77 2.17 -28.37
CA LEU B 186 -1.53 3.39 -28.18
C LEU B 186 -2.76 3.18 -27.30
N GLU B 187 -3.51 2.13 -27.65
CA GLU B 187 -4.79 1.88 -27.01
C GLU B 187 -4.62 1.46 -25.55
N ARG B 188 -3.67 0.56 -25.33
CA ARG B 188 -3.47 0.15 -23.94
C ARG B 188 -3.09 1.38 -23.12
N ALA B 189 -2.26 2.22 -23.73
CA ALA B 189 -1.84 3.43 -23.01
C ALA B 189 -3.06 4.32 -22.80
N MET B 190 -3.99 4.29 -23.74
CA MET B 190 -5.12 5.20 -23.56
C MET B 190 -6.01 4.74 -22.39
N ARG B 191 -6.23 3.43 -22.40
CA ARG B 191 -7.08 2.82 -21.38
C ARG B 191 -6.43 2.95 -20.01
N GLU B 192 -5.12 2.72 -19.96
CA GLU B 192 -4.42 2.80 -18.67
C GLU B 192 -4.61 4.20 -18.10
N TYR B 193 -4.51 5.15 -19.04
CA TYR B 193 -4.62 6.54 -18.63
C TYR B 193 -6.02 6.83 -18.12
N TYR B 194 -7.02 6.43 -18.89
CA TYR B 194 -8.41 6.68 -18.52
C TYR B 194 -8.76 6.01 -17.20
N ALA B 195 -8.45 4.72 -17.10
CA ALA B 195 -8.87 3.92 -15.96
C ALA B 195 -8.36 4.50 -14.65
N ASN B 196 -7.16 5.06 -14.68
CA ASN B 196 -6.54 5.54 -13.43
C ASN B 196 -6.75 7.01 -13.15
N ILE B 197 -7.50 7.75 -13.97
CA ILE B 197 -7.73 9.13 -13.56
C ILE B 197 -9.10 9.63 -14.01
N VAL B 198 -9.56 9.29 -15.20
CA VAL B 198 -10.80 9.88 -15.67
C VAL B 198 -12.04 9.10 -15.28
N ASN B 199 -11.86 7.82 -15.02
CA ASN B 199 -12.93 6.87 -14.76
C ASN B 199 -14.04 7.33 -13.84
N PRO B 200 -13.78 7.91 -12.68
CA PRO B 200 -14.88 8.26 -11.78
C PRO B 200 -15.80 9.34 -12.38
N TYR B 201 -15.35 9.99 -13.44
CA TYR B 201 -16.15 10.96 -14.18
C TYR B 201 -16.52 10.41 -15.54
N ALA B 202 -16.83 9.12 -15.56
CA ALA B 202 -17.38 8.52 -16.78
C ALA B 202 -18.58 9.29 -17.30
N PRO B 203 -19.60 9.57 -16.50
CA PRO B 203 -20.78 10.29 -17.02
C PRO B 203 -20.41 11.59 -17.69
N GLN B 204 -19.57 12.37 -17.02
CA GLN B 204 -19.19 13.65 -17.62
C GLN B 204 -18.39 13.39 -18.88
N THR B 205 -17.75 12.21 -18.91
CA THR B 205 -16.99 11.86 -20.11
C THR B 205 -17.95 11.82 -21.29
N LEU B 206 -19.03 11.08 -21.06
CA LEU B 206 -20.04 10.86 -22.09
C LEU B 206 -20.75 12.15 -22.47
N LYS B 207 -21.27 12.89 -21.50
CA LYS B 207 -21.95 14.14 -21.79
C LYS B 207 -21.02 15.09 -22.52
N ALA B 208 -19.76 15.13 -22.07
CA ALA B 208 -18.81 16.05 -22.71
C ALA B 208 -18.65 15.66 -24.16
N ILE B 209 -18.54 14.35 -24.42
CA ILE B 209 -18.31 13.99 -25.82
C ILE B 209 -19.55 14.32 -26.65
N GLU B 210 -20.73 14.04 -26.07
CA GLU B 210 -21.93 14.26 -26.86
C GLU B 210 -22.05 15.73 -27.20
N THR B 211 -21.89 16.64 -26.23
CA THR B 211 -22.15 18.01 -26.68
C THR B 211 -21.04 18.51 -27.59
N LEU B 212 -19.83 17.97 -27.48
CA LEU B 212 -18.83 18.46 -28.43
C LEU B 212 -19.28 18.00 -29.82
N VAL B 213 -19.82 16.79 -29.85
CA VAL B 213 -20.35 16.29 -31.11
C VAL B 213 -21.60 17.09 -31.48
N GLY B 214 -22.36 17.45 -30.45
CA GLY B 214 -23.52 18.31 -30.59
C GLY B 214 -23.07 19.53 -31.38
N ALA B 215 -22.01 20.17 -30.87
CA ALA B 215 -21.39 21.24 -31.65
C ALA B 215 -20.74 20.62 -32.86
N GLY B 216 -20.00 21.33 -33.71
CA GLY B 216 -19.53 20.53 -34.85
C GLY B 216 -18.13 20.02 -34.63
N VAL B 217 -17.83 19.48 -33.45
CA VAL B 217 -16.43 19.09 -33.24
C VAL B 217 -16.18 17.69 -33.81
N ALA B 218 -15.52 17.70 -34.96
CA ALA B 218 -14.97 16.55 -35.64
C ALA B 218 -13.55 16.88 -36.08
N PRO B 219 -12.62 16.66 -35.15
CA PRO B 219 -11.21 16.95 -35.36
C PRO B 219 -10.54 16.03 -36.38
N GLU B 220 -9.47 16.56 -36.94
CA GLU B 220 -8.45 15.88 -37.70
C GLU B 220 -7.19 15.78 -36.82
N PHE B 221 -7.22 16.65 -35.81
CA PHE B 221 -6.18 16.75 -34.81
C PHE B 221 -6.73 16.84 -33.39
N ILE B 222 -6.35 15.85 -32.58
CA ILE B 222 -6.61 15.99 -31.15
C ILE B 222 -5.26 16.06 -30.42
N CYS B 223 -5.07 17.15 -29.69
CA CYS B 223 -3.79 17.48 -29.08
C CYS B 223 -3.87 17.48 -27.56
N PRO B 224 -3.52 16.33 -26.97
CA PRO B 224 -3.49 16.18 -25.51
C PRO B 224 -2.20 16.64 -24.84
N ASP B 225 -2.29 16.87 -23.54
CA ASP B 225 -1.20 17.27 -22.67
C ASP B 225 -0.07 16.25 -22.53
N HIS B 226 -0.41 14.98 -22.70
CA HIS B 226 0.48 13.86 -22.49
C HIS B 226 0.44 12.88 -23.66
N GLY B 227 1.61 12.46 -24.12
CA GLY B 227 1.59 11.44 -25.18
C GLY B 227 1.62 12.04 -26.58
N VAL B 228 1.23 11.24 -27.55
CA VAL B 228 1.27 11.58 -28.95
C VAL B 228 0.04 12.39 -29.37
N ILE B 229 0.19 13.06 -30.50
CA ILE B 229 -0.92 13.81 -31.09
C ILE B 229 -1.76 12.88 -31.94
N PHE B 230 -3.09 12.99 -31.84
CA PHE B 230 -3.94 12.20 -32.73
C PHE B 230 -4.06 12.93 -34.06
N ARG B 231 -3.48 12.30 -35.08
CA ARG B 231 -3.37 12.92 -36.40
C ARG B 231 -4.23 12.18 -37.41
N GLY B 232 -5.30 12.83 -37.88
CA GLY B 232 -6.16 12.19 -38.86
C GLY B 232 -7.57 11.99 -38.34
N ALA B 233 -8.55 12.23 -39.21
CA ALA B 233 -9.94 12.09 -38.79
C ALA B 233 -10.24 10.68 -38.33
N ASP B 234 -9.54 9.70 -38.92
CA ASP B 234 -9.80 8.32 -38.51
C ASP B 234 -9.24 8.12 -37.09
N GLN B 235 -8.01 8.58 -36.88
CA GLN B 235 -7.41 8.46 -35.55
C GLN B 235 -8.22 9.20 -34.51
N CYS B 236 -8.58 10.46 -34.79
CA CYS B 236 -9.37 11.21 -33.81
C CYS B 236 -10.69 10.50 -33.53
N THR B 237 -11.20 9.78 -34.54
CA THR B 237 -12.47 9.10 -34.36
C THR B 237 -12.26 7.88 -33.47
N PHE B 238 -11.16 7.20 -33.78
CA PHE B 238 -10.61 6.17 -32.91
C PHE B 238 -10.64 6.64 -31.46
N ALA B 239 -9.97 7.75 -31.17
CA ALA B 239 -9.91 8.30 -29.82
C ALA B 239 -11.26 8.44 -29.15
N VAL B 240 -12.22 9.00 -29.88
CA VAL B 240 -13.50 9.35 -29.27
C VAL B 240 -14.36 8.13 -29.06
N GLN B 241 -14.27 7.18 -29.98
CA GLN B 241 -15.00 5.93 -29.81
C GLN B 241 -14.61 5.28 -28.48
N LYS B 242 -13.31 5.04 -28.37
CA LYS B 242 -12.66 4.46 -27.22
C LYS B 242 -13.00 5.16 -25.91
N TYR B 243 -13.00 6.50 -25.92
CA TYR B 243 -13.41 7.18 -24.69
C TYR B 243 -14.83 6.75 -24.35
N VAL B 244 -15.70 6.78 -25.35
CA VAL B 244 -17.07 6.33 -25.13
C VAL B 244 -17.08 4.90 -24.59
N GLU B 245 -16.30 4.03 -25.25
CA GLU B 245 -16.24 2.66 -24.74
C GLU B 245 -15.71 2.64 -23.30
N TYR B 246 -14.63 3.38 -23.05
CA TYR B 246 -14.09 3.36 -21.69
C TYR B 246 -15.12 3.87 -20.68
N ALA B 247 -15.75 5.03 -20.90
CA ALA B 247 -16.69 5.53 -19.88
C ALA B 247 -17.83 4.55 -19.68
N GLU B 248 -18.18 3.82 -20.73
CA GLU B 248 -19.35 2.96 -20.66
C GLU B 248 -19.11 1.77 -19.75
N GLN B 249 -17.87 1.27 -19.74
CA GLN B 249 -17.51 0.24 -18.77
C GLN B 249 -18.40 -0.97 -18.90
N LYS B 250 -18.67 -1.38 -20.15
CA LYS B 250 -19.42 -2.63 -20.26
C LYS B 250 -18.48 -3.78 -19.92
N PRO B 251 -19.12 -4.75 -19.29
CA PRO B 251 -18.51 -6.01 -18.91
C PRO B 251 -17.98 -6.79 -20.11
N THR B 252 -17.03 -7.66 -19.82
CA THR B 252 -16.46 -8.64 -20.73
C THR B 252 -16.29 -9.97 -20.01
N ASN B 253 -15.83 -10.98 -20.72
CA ASN B 253 -15.60 -12.30 -20.14
C ASN B 253 -14.22 -12.38 -19.50
N LYS B 254 -13.86 -11.29 -18.83
CA LYS B 254 -12.57 -11.21 -18.15
C LYS B 254 -12.73 -11.21 -16.64
N VAL B 255 -11.96 -12.03 -15.94
CA VAL B 255 -11.99 -12.01 -14.48
C VAL B 255 -10.64 -11.57 -13.94
N VAL B 256 -10.68 -10.59 -13.04
CA VAL B 256 -9.50 -10.15 -12.32
C VAL B 256 -9.61 -10.57 -10.86
N ILE B 257 -8.68 -11.39 -10.43
CA ILE B 257 -8.51 -11.80 -9.05
C ILE B 257 -7.26 -11.16 -8.46
N PHE B 258 -7.42 -10.41 -7.38
CA PHE B 258 -6.21 -9.86 -6.74
C PHE B 258 -6.28 -10.21 -5.26
N TYR B 259 -5.13 -10.42 -4.67
CA TYR B 259 -5.04 -10.95 -3.32
C TYR B 259 -3.69 -10.55 -2.72
N ASP B 260 -3.57 -10.78 -1.43
CA ASP B 260 -2.28 -10.81 -0.78
C ASP B 260 -2.29 -11.98 0.22
N SER B 261 -1.12 -12.36 0.71
CA SER B 261 -1.05 -13.54 1.56
C SER B 261 0.25 -13.56 2.32
N MET B 262 0.23 -14.14 3.51
CA MET B 262 1.46 -14.29 4.29
C MET B 262 2.02 -15.70 4.16
N TRP B 263 1.14 -16.70 4.31
CA TRP B 263 1.62 -18.09 4.33
C TRP B 263 1.07 -18.93 3.19
N HIS B 264 0.57 -18.26 2.17
CA HIS B 264 0.20 -18.85 0.89
C HIS B 264 -1.11 -19.60 0.89
N SER B 265 -1.89 -19.57 1.98
CA SER B 265 -3.15 -20.32 1.83
C SER B 265 -4.08 -19.54 0.91
N THR B 266 -4.16 -18.23 1.12
CA THR B 266 -5.02 -17.41 0.26
C THR B 266 -4.45 -17.41 -1.15
N GLU B 267 -3.16 -17.72 -1.28
CA GLU B 267 -2.60 -17.79 -2.63
C GLU B 267 -3.12 -19.04 -3.35
N LYS B 268 -3.14 -20.17 -2.65
CA LYS B 268 -3.66 -21.42 -3.16
C LYS B 268 -5.11 -21.30 -3.57
N MET B 269 -5.94 -20.72 -2.71
CA MET B 269 -7.33 -20.44 -3.08
C MET B 269 -7.38 -19.63 -4.37
N ALA B 270 -6.55 -18.58 -4.46
CA ALA B 270 -6.63 -17.72 -5.64
C ALA B 270 -6.31 -18.51 -6.90
N ARG B 271 -5.28 -19.36 -6.81
CA ARG B 271 -4.84 -20.11 -7.98
C ARG B 271 -5.94 -21.08 -8.43
N VAL B 272 -6.64 -21.66 -7.46
CA VAL B 272 -7.73 -22.57 -7.80
C VAL B 272 -8.87 -21.80 -8.45
N LEU B 273 -9.23 -20.66 -7.85
CA LEU B 273 -10.27 -19.84 -8.47
C LEU B 273 -9.88 -19.53 -9.91
N ALA B 274 -8.60 -19.20 -10.10
CA ALA B 274 -8.17 -18.78 -11.44
C ALA B 274 -8.42 -19.89 -12.46
N GLU B 275 -8.21 -21.13 -12.04
CA GLU B 275 -8.36 -22.30 -12.89
C GLU B 275 -9.83 -22.62 -13.15
N SER B 276 -10.66 -22.55 -12.12
CA SER B 276 -12.08 -22.82 -12.29
C SER B 276 -12.72 -21.82 -13.26
N PHE B 277 -12.36 -20.55 -13.13
CA PHE B 277 -12.91 -19.54 -14.02
C PHE B 277 -12.51 -19.80 -15.47
N ARG B 278 -11.27 -20.24 -15.63
CA ARG B 278 -10.75 -20.53 -16.95
C ARG B 278 -11.55 -21.67 -17.57
N ASP B 279 -12.08 -22.52 -16.70
CA ASP B 279 -12.86 -23.66 -17.16
C ASP B 279 -14.25 -23.23 -17.63
N GLU B 280 -14.79 -22.19 -16.98
CA GLU B 280 -16.06 -21.60 -17.33
C GLU B 280 -15.93 -20.69 -18.55
N GLY B 281 -14.76 -20.71 -19.19
CA GLY B 281 -14.57 -19.93 -20.39
C GLY B 281 -14.18 -18.49 -20.15
N CYS B 282 -13.84 -18.10 -18.93
CA CYS B 282 -13.40 -16.72 -18.71
C CYS B 282 -11.92 -16.54 -18.96
N THR B 283 -11.54 -15.33 -19.34
CA THR B 283 -10.13 -14.96 -19.39
C THR B 283 -9.74 -14.52 -17.98
N VAL B 284 -8.60 -14.98 -17.51
CA VAL B 284 -8.26 -14.67 -16.12
C VAL B 284 -6.93 -13.93 -16.01
N LYS B 285 -7.01 -12.87 -15.23
CA LYS B 285 -5.77 -12.25 -14.73
C LYS B 285 -5.69 -12.50 -13.22
N LEU B 286 -4.66 -13.19 -12.76
CA LEU B 286 -4.36 -13.43 -11.35
C LEU B 286 -3.26 -12.48 -10.87
N MET B 287 -3.58 -11.49 -10.05
CA MET B 287 -2.60 -10.47 -9.71
C MET B 287 -2.31 -10.38 -8.23
N TRP B 288 -1.03 -10.59 -7.90
CA TRP B 288 -0.54 -10.46 -6.54
C TRP B 288 -0.29 -9.02 -6.17
N CYS B 289 -0.85 -8.55 -5.06
CA CYS B 289 -0.63 -7.16 -4.68
C CYS B 289 0.83 -6.84 -4.45
N LYS B 290 1.66 -7.80 -4.07
CA LYS B 290 3.07 -7.41 -3.86
C LYS B 290 3.84 -7.32 -5.17
N ALA B 291 3.28 -7.84 -6.26
CA ALA B 291 3.95 -7.76 -7.56
C ALA B 291 3.26 -6.80 -8.52
N CYS B 292 2.08 -6.29 -8.16
CA CYS B 292 1.37 -5.41 -9.07
C CYS B 292 0.94 -4.11 -8.41
N HIS B 293 1.34 -3.02 -9.05
CA HIS B 293 0.90 -1.73 -8.52
C HIS B 293 -0.62 -1.68 -8.57
N HIS B 294 -1.22 -0.92 -7.67
CA HIS B 294 -2.67 -0.75 -7.68
C HIS B 294 -3.14 -0.15 -9.00
N SER B 295 -2.34 0.68 -9.67
CA SER B 295 -2.85 1.24 -10.92
C SER B 295 -2.89 0.17 -12.00
N GLN B 296 -2.02 -0.83 -11.87
CA GLN B 296 -1.98 -1.96 -12.80
C GLN B 296 -3.15 -2.90 -12.60
N ILE B 297 -3.55 -3.08 -11.33
CA ILE B 297 -4.76 -3.85 -11.08
C ILE B 297 -5.94 -3.10 -11.66
N MET B 298 -5.95 -1.79 -11.44
CA MET B 298 -7.05 -0.97 -11.95
C MET B 298 -7.11 -1.02 -13.46
N SER B 299 -5.96 -1.00 -14.13
CA SER B 299 -6.04 -1.03 -15.59
C SER B 299 -6.68 -2.33 -16.06
N GLU B 300 -6.35 -3.43 -15.39
CA GLU B 300 -6.91 -4.72 -15.78
C GLU B 300 -8.39 -4.78 -15.42
N ILE B 301 -8.75 -4.08 -14.34
CA ILE B 301 -10.15 -4.16 -13.90
C ILE B 301 -11.06 -3.37 -14.82
N SER B 302 -10.50 -2.40 -15.52
CA SER B 302 -11.33 -1.46 -16.28
C SER B 302 -12.22 -2.19 -17.28
N ASP B 303 -11.71 -3.22 -17.96
CA ASP B 303 -12.54 -3.94 -18.93
C ASP B 303 -12.82 -5.36 -18.49
N ALA B 304 -12.85 -5.56 -17.17
CA ALA B 304 -13.16 -6.89 -16.64
C ALA B 304 -14.62 -6.91 -16.20
N GLY B 305 -15.23 -8.10 -16.23
CA GLY B 305 -16.61 -8.22 -15.79
C GLY B 305 -16.68 -8.54 -14.30
N ALA B 306 -15.65 -9.23 -13.83
CA ALA B 306 -15.65 -9.67 -12.44
C ALA B 306 -14.34 -9.33 -11.73
N VAL B 307 -14.48 -8.87 -10.50
CA VAL B 307 -13.35 -8.56 -9.64
C VAL B 307 -13.45 -9.41 -8.38
N ILE B 308 -12.47 -10.30 -8.21
CA ILE B 308 -12.42 -11.18 -7.06
C ILE B 308 -11.23 -10.83 -6.18
N VAL B 309 -11.46 -10.63 -4.89
CA VAL B 309 -10.45 -10.19 -3.95
C VAL B 309 -10.25 -11.17 -2.81
N GLY B 310 -8.97 -11.44 -2.57
CA GLY B 310 -8.59 -12.31 -1.48
C GLY B 310 -7.67 -11.62 -0.48
N SER B 311 -7.91 -11.91 0.80
CA SER B 311 -6.98 -11.57 1.85
C SER B 311 -7.14 -12.53 3.02
N PRO B 312 -6.03 -12.90 3.64
CA PRO B 312 -6.13 -13.63 4.91
C PRO B 312 -6.62 -12.66 5.98
N THR B 313 -7.04 -13.15 7.13
CA THR B 313 -7.32 -12.19 8.20
C THR B 313 -6.04 -11.80 8.91
N HIS B 314 -5.73 -10.52 8.90
CA HIS B 314 -4.51 -10.05 9.57
C HIS B 314 -4.89 -9.01 10.63
N ASN B 315 -4.68 -9.33 11.89
CA ASN B 315 -5.04 -8.40 12.97
C ASN B 315 -6.47 -7.88 12.80
N ASN B 316 -7.46 -8.75 12.68
CA ASN B 316 -8.86 -8.38 12.69
C ASN B 316 -9.28 -7.57 11.47
N GLY B 317 -8.52 -7.68 10.40
CA GLY B 317 -8.81 -6.99 9.15
C GLY B 317 -8.10 -7.70 8.00
N ILE B 318 -7.87 -6.97 6.93
CA ILE B 318 -7.20 -7.43 5.72
C ILE B 318 -5.80 -6.85 5.62
N LEU B 319 -4.98 -7.46 4.78
CA LEU B 319 -3.60 -7.00 4.60
C LEU B 319 -3.54 -5.58 4.06
N PRO B 320 -2.53 -4.84 4.48
CA PRO B 320 -2.38 -3.43 4.14
C PRO B 320 -2.47 -3.17 2.63
N TYR B 321 -1.83 -4.05 1.86
CA TYR B 321 -1.71 -3.82 0.42
C TYR B 321 -3.04 -4.07 -0.28
N VAL B 322 -3.84 -4.97 0.29
CA VAL B 322 -5.17 -5.18 -0.27
C VAL B 322 -6.07 -3.99 0.07
N ALA B 323 -5.95 -3.52 1.32
CA ALA B 323 -6.72 -2.35 1.73
C ALA B 323 -6.37 -1.14 0.86
N GLY B 324 -5.09 -0.84 0.73
CA GLY B 324 -4.68 0.27 -0.12
C GLY B 324 -5.22 0.17 -1.53
N THR B 325 -5.08 -1.00 -2.15
CA THR B 325 -5.58 -1.19 -3.50
C THR B 325 -7.09 -1.01 -3.57
N LEU B 326 -7.78 -1.49 -2.53
CA LEU B 326 -9.23 -1.35 -2.52
C LEU B 326 -9.60 0.13 -2.46
N GLN B 327 -8.87 0.90 -1.66
CA GLN B 327 -9.19 2.31 -1.47
C GLN B 327 -9.04 3.03 -2.81
N TYR B 328 -8.01 2.60 -3.53
CA TYR B 328 -7.69 3.17 -4.83
C TYR B 328 -8.83 2.94 -5.81
N ILE B 329 -9.20 1.67 -5.94
CA ILE B 329 -10.23 1.22 -6.85
C ILE B 329 -11.58 1.88 -6.58
N LYS B 330 -11.97 1.94 -5.31
CA LYS B 330 -13.26 2.51 -4.95
C LYS B 330 -13.34 3.96 -5.42
N GLY B 331 -12.24 4.69 -5.27
CA GLY B 331 -12.14 6.08 -5.63
C GLY B 331 -12.40 6.30 -7.11
N LEU B 332 -11.99 5.32 -7.91
CA LEU B 332 -12.14 5.47 -9.35
C LEU B 332 -13.49 4.98 -9.83
N ARG B 333 -14.29 4.43 -8.92
CA ARG B 333 -15.66 4.04 -9.16
C ARG B 333 -15.86 3.17 -10.39
N PRO B 334 -15.30 1.98 -10.44
CA PRO B 334 -15.57 1.10 -11.58
C PRO B 334 -17.06 0.70 -11.55
N GLN B 335 -17.69 0.64 -12.70
CA GLN B 335 -19.08 0.29 -12.87
C GLN B 335 -19.28 -1.08 -13.49
N ASN B 336 -20.48 -1.62 -13.30
CA ASN B 336 -20.90 -2.83 -13.99
C ASN B 336 -19.96 -3.99 -13.74
N LYS B 337 -19.71 -4.30 -12.48
CA LYS B 337 -18.82 -5.44 -12.21
C LYS B 337 -19.48 -6.45 -11.27
N ILE B 338 -19.10 -7.71 -11.44
CA ILE B 338 -19.50 -8.65 -10.39
C ILE B 338 -18.33 -8.86 -9.44
N GLY B 339 -18.63 -8.77 -8.15
CA GLY B 339 -17.60 -8.97 -7.13
C GLY B 339 -17.58 -10.38 -6.58
N GLY B 340 -16.48 -10.72 -5.95
CA GLY B 340 -16.23 -11.99 -5.29
C GLY B 340 -15.18 -11.83 -4.19
N ALA B 341 -15.25 -12.62 -3.14
CA ALA B 341 -14.28 -12.47 -2.06
C ALA B 341 -13.88 -13.81 -1.45
N PHE B 342 -12.68 -13.86 -0.87
CA PHE B 342 -12.24 -15.12 -0.27
C PHE B 342 -11.04 -14.88 0.62
N GLY B 343 -10.71 -15.88 1.44
CA GLY B 343 -9.53 -15.78 2.28
C GLY B 343 -9.44 -16.93 3.28
N SER B 344 -8.26 -17.01 3.88
CA SER B 344 -7.95 -17.93 4.95
C SER B 344 -7.93 -17.16 6.27
N PHE B 345 -8.38 -17.84 7.33
CA PHE B 345 -8.29 -17.22 8.64
C PHE B 345 -7.88 -18.28 9.65
N GLY B 346 -7.44 -17.79 10.81
CA GLY B 346 -7.06 -18.64 11.92
C GLY B 346 -8.12 -18.66 13.02
N TRP B 347 -8.72 -17.52 13.34
CA TRP B 347 -9.70 -17.53 14.43
C TRP B 347 -10.82 -16.50 14.28
N SER B 348 -10.50 -15.22 14.21
CA SER B 348 -11.56 -14.20 14.19
C SER B 348 -12.24 -14.14 12.83
N GLY B 349 -11.50 -14.24 11.73
CA GLY B 349 -12.08 -14.45 10.42
C GLY B 349 -12.77 -13.28 9.76
N GLU B 350 -12.54 -12.05 10.19
CA GLU B 350 -13.17 -10.89 9.58
C GLU B 350 -12.90 -10.62 8.10
N SER B 351 -11.84 -11.18 7.50
CA SER B 351 -11.39 -10.68 6.20
C SER B 351 -12.48 -10.81 5.13
N THR B 352 -13.09 -11.98 4.97
CA THR B 352 -14.11 -12.05 3.92
C THR B 352 -15.30 -11.16 4.24
N LYS B 353 -15.64 -11.00 5.53
CA LYS B 353 -16.74 -10.10 5.86
C LYS B 353 -16.44 -8.69 5.34
N VAL B 354 -15.22 -8.29 5.70
CA VAL B 354 -14.71 -6.98 5.37
C VAL B 354 -14.59 -6.77 3.87
N LEU B 355 -14.10 -7.79 3.16
CA LEU B 355 -13.97 -7.70 1.71
C LEU B 355 -15.32 -7.51 1.05
N ALA B 356 -16.31 -8.24 1.56
CA ALA B 356 -17.66 -8.18 1.01
C ALA B 356 -18.26 -6.79 1.23
N GLU B 357 -17.94 -6.19 2.37
CA GLU B 357 -18.43 -4.82 2.60
C GLU B 357 -17.88 -3.88 1.56
N TRP B 358 -16.59 -4.03 1.25
CA TRP B 358 -15.93 -3.18 0.27
C TRP B 358 -16.63 -3.25 -1.10
N LEU B 359 -16.78 -4.49 -1.56
CA LEU B 359 -17.30 -4.69 -2.92
C LEU B 359 -18.73 -4.16 -2.98
N THR B 360 -19.56 -4.64 -2.07
CA THR B 360 -20.91 -4.14 -1.91
C THR B 360 -20.94 -2.63 -1.88
N GLY B 361 -20.11 -2.00 -1.07
CA GLY B 361 -20.02 -0.56 -1.02
C GLY B 361 -19.60 0.08 -2.32
N MET B 362 -19.14 -0.70 -3.29
CA MET B 362 -18.71 -0.15 -4.56
C MET B 362 -19.78 -0.38 -5.62
N GLY B 363 -20.87 -1.00 -5.18
CA GLY B 363 -21.97 -1.28 -6.09
C GLY B 363 -21.75 -2.55 -6.90
N PHE B 364 -20.76 -3.34 -6.51
CA PHE B 364 -20.50 -4.60 -7.19
C PHE B 364 -21.59 -5.63 -6.86
N ASP B 365 -21.94 -6.45 -7.84
CA ASP B 365 -22.94 -7.51 -7.68
C ASP B 365 -22.27 -8.73 -7.09
N MET B 366 -22.77 -9.22 -5.96
CA MET B 366 -22.19 -10.35 -5.25
C MET B 366 -23.07 -11.60 -5.27
N PRO B 367 -23.18 -12.25 -6.41
CA PRO B 367 -24.07 -13.41 -6.49
C PRO B 367 -23.62 -14.55 -5.59
N ALA B 368 -22.31 -14.68 -5.41
CA ALA B 368 -21.83 -15.79 -4.59
C ALA B 368 -21.24 -15.30 -3.28
N THR B 369 -21.53 -16.05 -2.23
CA THR B 369 -21.08 -15.66 -0.90
C THR B 369 -19.61 -16.04 -0.75
N PRO B 370 -18.91 -15.26 0.06
CA PRO B 370 -17.46 -15.40 0.20
C PRO B 370 -17.10 -16.76 0.79
N VAL B 371 -16.06 -17.35 0.21
CA VAL B 371 -15.48 -18.58 0.70
C VAL B 371 -14.40 -18.28 1.73
N LYS B 372 -14.64 -18.71 2.96
CA LYS B 372 -13.65 -18.55 4.02
C LYS B 372 -13.21 -19.92 4.51
N VAL B 373 -11.91 -20.06 4.77
CA VAL B 373 -11.27 -21.29 5.19
C VAL B 373 -10.37 -21.07 6.40
N LYS B 374 -10.44 -21.99 7.35
CA LYS B 374 -9.56 -21.95 8.53
C LYS B 374 -8.18 -22.47 8.13
N ASN B 375 -7.20 -21.57 8.13
CA ASN B 375 -5.83 -21.91 7.75
C ASN B 375 -5.75 -22.60 6.38
N VAL B 376 -5.18 -23.79 6.32
CA VAL B 376 -4.83 -24.48 5.09
C VAL B 376 -6.00 -25.25 4.49
N PRO B 377 -6.37 -24.83 3.28
CA PRO B 377 -7.52 -25.40 2.60
C PRO B 377 -7.33 -26.87 2.22
N THR B 378 -8.45 -27.56 2.16
CA THR B 378 -8.53 -28.95 1.73
C THR B 378 -9.47 -29.12 0.54
N HIS B 379 -9.40 -30.27 -0.11
CA HIS B 379 -10.14 -30.61 -1.30
C HIS B 379 -11.58 -30.11 -1.24
N ALA B 380 -12.18 -30.29 -0.05
CA ALA B 380 -13.52 -29.76 0.11
C ALA B 380 -13.52 -28.25 -0.15
N ASP B 381 -12.63 -27.53 0.51
CA ASP B 381 -12.56 -26.08 0.33
C ASP B 381 -12.39 -25.74 -1.15
N TYR B 382 -11.62 -26.58 -1.85
CA TYR B 382 -11.44 -26.35 -3.27
C TYR B 382 -12.77 -26.47 -4.01
N GLU B 383 -13.56 -27.44 -3.59
CA GLU B 383 -14.89 -27.66 -4.15
C GLU B 383 -15.71 -26.39 -3.98
N GLN B 384 -15.60 -25.83 -2.78
CA GLN B 384 -16.33 -24.59 -2.49
C GLN B 384 -15.91 -23.48 -3.44
N LEU B 385 -14.60 -23.38 -3.68
CA LEU B 385 -14.12 -22.29 -4.54
C LEU B 385 -14.62 -22.49 -5.97
N LYS B 386 -14.53 -23.71 -6.48
CA LYS B 386 -15.04 -24.12 -7.77
C LYS B 386 -16.48 -23.67 -7.97
N THR B 387 -17.24 -23.77 -6.88
CA THR B 387 -18.65 -23.44 -6.82
C THR B 387 -18.87 -21.93 -6.84
N MET B 388 -18.05 -21.20 -6.10
CA MET B 388 -18.13 -19.75 -6.08
C MET B 388 -17.86 -19.17 -7.46
N ALA B 389 -16.85 -19.73 -8.12
CA ALA B 389 -16.43 -19.41 -9.46
C ALA B 389 -17.50 -19.65 -10.51
N GLN B 390 -18.22 -20.78 -10.36
CA GLN B 390 -19.26 -21.10 -11.32
C GLN B 390 -20.43 -20.13 -11.21
N THR B 391 -20.85 -19.87 -9.98
CA THR B 391 -21.90 -18.90 -9.71
C THR B 391 -21.57 -17.54 -10.28
N ILE B 392 -20.37 -17.06 -9.95
CA ILE B 392 -19.97 -15.75 -10.49
C ILE B 392 -19.96 -15.80 -12.00
N ALA B 393 -19.37 -16.85 -12.59
CA ALA B 393 -19.26 -16.88 -14.05
C ALA B 393 -20.61 -16.96 -14.72
N ARG B 394 -21.53 -17.70 -14.13
CA ARG B 394 -22.85 -17.86 -14.75
C ARG B 394 -23.51 -16.49 -14.79
N ALA B 395 -23.45 -15.78 -13.66
CA ALA B 395 -24.00 -14.43 -13.59
C ALA B 395 -23.35 -13.49 -14.60
N LEU B 396 -22.04 -13.61 -14.71
CA LEU B 396 -21.25 -12.88 -15.70
C LEU B 396 -21.80 -13.20 -17.09
N LYS B 397 -21.79 -14.49 -17.43
CA LYS B 397 -22.29 -14.98 -18.70
C LYS B 397 -23.67 -14.38 -18.99
N ALA B 398 -24.49 -14.35 -17.94
CA ALA B 398 -25.82 -13.78 -18.03
C ALA B 398 -25.76 -12.31 -18.42
N LYS B 399 -24.92 -11.57 -17.70
CA LYS B 399 -24.80 -10.14 -17.91
C LYS B 399 -24.38 -9.81 -19.34
N LEU B 400 -23.52 -10.62 -19.95
CA LEU B 400 -22.93 -10.31 -21.24
C LEU B 400 -23.91 -10.53 -22.39
N ALA B 401 -25.07 -11.08 -22.08
CA ALA B 401 -26.08 -11.36 -23.10
C ALA B 401 -27.17 -10.30 -23.15
N ALA B 402 -26.77 -9.03 -23.10
CA ALA B 402 -27.73 -7.94 -23.16
C ALA B 402 -27.04 -6.58 -23.04
#